data_3FXA
#
_entry.id   3FXA
#
_cell.length_a   57.944
_cell.length_b   57.944
_cell.length_c   197.964
_cell.angle_alpha   90.000
_cell.angle_beta   90.000
_cell.angle_gamma   120.000
#
_symmetry.space_group_name_H-M   'P 31'
#
loop_
_entity.id
_entity.type
_entity.pdbx_description
1 polymer 'SIS domain protein'
2 non-polymer 1,2-ETHANEDIOL
3 water water
#
_entity_poly.entity_id   1
_entity_poly.type   'polypeptide(L)'
_entity_poly.pdbx_seq_one_letter_code
;G(MSE)DKQAILDNIHQTWQEEANAISRLPEVTSEEALVKTVEKIAECTGKIVVAGCGTSGVAAKKLVHSFNCIERPAVF
LTPSDAVHGTLGVLQKEDILILISKGGNTGELLNLIPACKTKGSTLIGVTENPDSVIAKEADIFFPVSVSKEPDPFN
(MSE)LATAST(MSE)AVIASFDAVIVCL(MSE)TY(MSE)NYTKEQFSVIHPGGAVGNKLLNK
;
_entity_poly.pdbx_strand_id   A,B,C,D
#
# COMPACT_ATOMS: atom_id res chain seq x y z
N ASP A 3 20.09 -29.44 -11.78
CA ASP A 3 20.42 -29.24 -13.21
C ASP A 3 19.24 -28.65 -13.98
N LYS A 4 19.51 -28.22 -15.22
CA LYS A 4 18.51 -27.55 -16.07
C LYS A 4 17.17 -28.30 -16.17
N GLN A 5 17.25 -29.59 -16.49
CA GLN A 5 16.05 -30.41 -16.65
C GLN A 5 15.26 -30.60 -15.35
N ALA A 6 15.95 -30.75 -14.21
CA ALA A 6 15.28 -30.89 -12.90
C ALA A 6 14.51 -29.59 -12.56
N ILE A 7 15.09 -28.43 -12.89
CA ILE A 7 14.43 -27.13 -12.69
C ILE A 7 13.15 -27.04 -13.51
N LEU A 8 13.28 -27.31 -14.82
CA LEU A 8 12.15 -27.27 -15.75
C LEU A 8 11.04 -28.27 -15.41
N ASP A 9 11.40 -29.49 -15.00
CA ASP A 9 10.41 -30.48 -14.57
C ASP A 9 9.62 -29.99 -13.34
N ASN A 10 10.34 -29.42 -12.37
CA ASN A 10 9.71 -28.86 -11.13
C ASN A 10 8.70 -27.75 -11.50
N ILE A 11 9.18 -26.80 -12.31
CA ILE A 11 8.38 -25.69 -12.86
C ILE A 11 7.15 -26.19 -13.61
N HIS A 12 7.32 -27.10 -14.56
CA HIS A 12 6.16 -27.64 -15.32
C HIS A 12 5.08 -28.29 -14.47
N GLN A 13 5.51 -28.99 -13.41
CA GLN A 13 4.60 -29.65 -12.47
C GLN A 13 3.73 -28.59 -11.78
N THR A 14 4.36 -27.49 -11.36
CA THR A 14 3.62 -26.40 -10.70
C THR A 14 2.56 -25.83 -11.63
N TRP A 15 2.92 -25.55 -12.88
CA TRP A 15 1.96 -25.00 -13.85
C TRP A 15 0.82 -25.97 -14.14
N GLN A 16 1.12 -27.27 -14.18
CA GLN A 16 0.08 -28.30 -14.38
CA GLN A 16 0.09 -28.29 -14.39
C GLN A 16 -0.94 -28.23 -13.26
N GLU A 17 -0.46 -28.21 -12.01
CA GLU A 17 -1.34 -28.16 -10.83
C GLU A 17 -2.16 -26.85 -10.76
N GLU A 18 -1.53 -25.72 -11.09
CA GLU A 18 -2.25 -24.42 -11.13
C GLU A 18 -3.30 -24.40 -12.23
N ALA A 19 -2.95 -24.88 -13.42
CA ALA A 19 -3.94 -24.97 -14.51
C ALA A 19 -5.13 -25.85 -14.09
N ASN A 20 -4.84 -26.98 -13.45
CA ASN A 20 -5.88 -27.94 -12.99
C ASN A 20 -6.81 -27.29 -11.96
N ALA A 21 -6.23 -26.50 -11.05
CA ALA A 21 -6.97 -25.78 -10.00
C ALA A 21 -8.00 -24.81 -10.60
N ILE A 22 -7.64 -24.14 -11.68
CA ILE A 22 -8.55 -23.20 -12.36
C ILE A 22 -9.55 -23.99 -13.18
N SER A 23 -9.08 -25.03 -13.89
CA SER A 23 -10.02 -25.83 -14.70
CA SER A 23 -9.97 -25.89 -14.68
C SER A 23 -11.11 -26.49 -13.86
N ARG A 24 -10.82 -26.82 -12.59
CA ARG A 24 -11.82 -27.43 -11.68
C ARG A 24 -12.75 -26.43 -10.97
N LEU A 25 -12.66 -25.13 -11.30
CA LEU A 25 -13.51 -24.14 -10.62
C LEU A 25 -15.02 -24.42 -10.62
N PRO A 26 -15.59 -24.94 -11.74
CA PRO A 26 -17.01 -25.30 -11.71
C PRO A 26 -17.44 -26.32 -10.62
N GLU A 27 -16.55 -27.25 -10.25
CA GLU A 27 -16.81 -28.28 -9.23
C GLU A 27 -16.72 -27.79 -7.78
N VAL A 28 -15.87 -26.79 -7.53
CA VAL A 28 -15.56 -26.28 -6.19
C VAL A 28 -16.26 -24.96 -5.81
N THR A 29 -16.85 -24.28 -6.80
CA THR A 29 -17.65 -23.09 -6.57
C THR A 29 -19.15 -23.46 -6.54
N SER A 30 -19.96 -22.49 -6.11
CA SER A 30 -21.41 -22.59 -6.01
C SER A 30 -22.04 -21.77 -7.11
N GLU A 31 -22.85 -22.42 -7.97
CA GLU A 31 -23.57 -21.68 -9.01
C GLU A 31 -24.48 -20.56 -8.45
N GLU A 32 -25.22 -20.88 -7.38
CA GLU A 32 -26.07 -19.89 -6.72
C GLU A 32 -25.22 -18.69 -6.27
N ALA A 33 -24.10 -18.96 -5.60
CA ALA A 33 -23.21 -17.85 -5.13
C ALA A 33 -22.63 -17.02 -6.26
N LEU A 34 -22.22 -17.68 -7.36
CA LEU A 34 -21.67 -16.98 -8.53
C LEU A 34 -22.68 -15.97 -9.11
N VAL A 35 -23.91 -16.43 -9.30
CA VAL A 35 -24.96 -15.58 -9.85
C VAL A 35 -25.35 -14.45 -8.89
N LYS A 36 -25.54 -14.80 -7.62
CA LYS A 36 -25.91 -13.83 -6.58
C LYS A 36 -24.84 -12.75 -6.44
N THR A 37 -23.57 -13.16 -6.53
CA THR A 37 -22.45 -12.22 -6.44
C THR A 37 -22.46 -11.24 -7.63
N VAL A 38 -22.67 -11.75 -8.85
CA VAL A 38 -22.77 -10.88 -10.03
C VAL A 38 -23.92 -9.87 -9.89
N GLU A 39 -25.09 -10.35 -9.50
CA GLU A 39 -26.31 -9.54 -9.35
C GLU A 39 -26.12 -8.48 -8.28
N LYS A 40 -25.65 -8.93 -7.12
CA LYS A 40 -25.43 -8.04 -5.97
C LYS A 40 -24.43 -6.93 -6.28
N ILE A 41 -23.31 -7.27 -6.95
CA ILE A 41 -22.27 -6.28 -7.30
C ILE A 41 -22.77 -5.31 -8.38
N ALA A 42 -23.51 -5.82 -9.35
CA ALA A 42 -24.16 -4.96 -10.37
C ALA A 42 -25.14 -3.95 -9.75
N GLU A 43 -25.86 -4.38 -8.71
CA GLU A 43 -26.86 -3.55 -8.01
C GLU A 43 -26.25 -2.59 -6.97
N CYS A 44 -24.99 -2.80 -6.61
CA CYS A 44 -24.35 -2.00 -5.54
C CYS A 44 -24.25 -0.50 -5.85
N THR A 45 -24.82 0.33 -4.97
CA THR A 45 -24.74 1.80 -5.08
C THR A 45 -23.60 2.40 -4.22
N GLY A 46 -22.93 1.57 -3.42
CA GLY A 46 -21.80 2.01 -2.60
C GLY A 46 -20.49 1.58 -3.24
N LYS A 47 -19.66 0.89 -2.47
CA LYS A 47 -18.38 0.37 -2.94
C LYS A 47 -18.11 -1.00 -2.38
N ILE A 48 -17.12 -1.66 -2.95
CA ILE A 48 -16.70 -2.99 -2.54
CA ILE A 48 -16.71 -3.00 -2.55
C ILE A 48 -15.48 -2.85 -1.63
N VAL A 49 -15.55 -3.34 -0.41
CA VAL A 49 -14.42 -3.26 0.53
C VAL A 49 -13.90 -4.70 0.63
N VAL A 50 -12.62 -4.93 0.31
CA VAL A 50 -12.07 -6.30 0.33
C VAL A 50 -10.96 -6.39 1.37
N ALA A 51 -10.99 -7.44 2.21
CA ALA A 51 -9.97 -7.68 3.24
C ALA A 51 -9.36 -9.08 3.16
N GLY A 52 -8.07 -9.17 3.40
CA GLY A 52 -7.35 -10.43 3.44
C GLY A 52 -5.97 -10.18 4.05
N CYS A 53 -5.38 -11.27 4.53
CA CYS A 53 -4.03 -11.31 5.12
C CYS A 53 -3.08 -12.10 4.22
N GLY A 54 -1.85 -11.63 4.11
CA GLY A 54 -0.82 -12.30 3.33
C GLY A 54 -1.24 -12.51 1.89
N THR A 55 -1.18 -13.76 1.43
CA THR A 55 -1.53 -14.13 0.06
CA THR A 55 -1.54 -14.11 0.06
C THR A 55 -3.01 -13.81 -0.26
N SER A 56 -3.91 -14.08 0.71
CA SER A 56 -5.35 -13.71 0.57
C SER A 56 -5.47 -12.18 0.37
N GLY A 57 -4.59 -11.42 1.01
CA GLY A 57 -4.49 -9.98 0.83
C GLY A 57 -4.12 -9.58 -0.60
N VAL A 58 -3.18 -10.31 -1.24
CA VAL A 58 -2.80 -10.00 -2.62
C VAL A 58 -4.01 -10.31 -3.54
N ALA A 59 -4.69 -11.43 -3.28
CA ALA A 59 -5.95 -11.76 -3.99
C ALA A 59 -6.95 -10.63 -3.81
N ALA A 60 -7.06 -10.12 -2.58
CA ALA A 60 -8.00 -9.01 -2.30
C ALA A 60 -7.67 -7.76 -3.13
N LYS A 61 -6.37 -7.45 -3.22
CA LYS A 61 -5.90 -6.33 -4.01
C LYS A 61 -6.18 -6.54 -5.52
N LYS A 62 -6.18 -7.80 -5.96
CA LYS A 62 -6.44 -8.09 -7.38
C LYS A 62 -7.93 -7.80 -7.64
N LEU A 63 -8.82 -8.29 -6.77
CA LEU A 63 -10.25 -7.96 -6.86
C LEU A 63 -10.48 -6.43 -6.90
N VAL A 64 -9.84 -5.72 -5.98
CA VAL A 64 -9.95 -4.26 -5.87
C VAL A 64 -9.50 -3.55 -7.14
N HIS A 65 -8.34 -3.93 -7.70
CA HIS A 65 -7.93 -3.31 -8.97
C HIS A 65 -8.96 -3.54 -10.11
N SER A 66 -9.28 -4.82 -10.33
CA SER A 66 -10.17 -5.19 -11.42
C SER A 66 -11.60 -4.69 -11.30
N PHE A 67 -12.12 -4.59 -10.08
CA PHE A 67 -13.46 -4.01 -9.86
C PHE A 67 -13.42 -2.54 -10.27
N ASN A 68 -12.40 -1.81 -9.83
CA ASN A 68 -12.23 -0.40 -10.26
C ASN A 68 -12.14 -0.24 -11.76
N CYS A 69 -11.42 -1.16 -12.42
CA CYS A 69 -11.31 -1.12 -13.87
C CYS A 69 -12.64 -1.18 -14.62
N ILE A 70 -13.66 -1.82 -14.01
CA ILE A 70 -14.98 -1.95 -14.61
C ILE A 70 -16.02 -1.03 -13.95
N GLU A 71 -15.56 0.10 -13.41
CA GLU A 71 -16.43 1.09 -12.78
C GLU A 71 -17.28 0.55 -11.62
N ARG A 72 -16.68 -0.36 -10.84
CA ARG A 72 -17.27 -0.87 -9.60
CA ARG A 72 -17.27 -0.87 -9.60
C ARG A 72 -16.29 -0.41 -8.51
N PRO A 73 -16.51 0.82 -7.93
CA PRO A 73 -15.59 1.31 -6.89
C PRO A 73 -15.28 0.26 -5.84
N ALA A 74 -13.99 0.14 -5.52
CA ALA A 74 -13.48 -0.86 -4.59
C ALA A 74 -12.27 -0.32 -3.85
N VAL A 75 -12.09 -0.81 -2.63
CA VAL A 75 -10.98 -0.39 -1.75
C VAL A 75 -10.48 -1.58 -0.95
N PHE A 76 -9.17 -1.63 -0.74
CA PHE A 76 -8.57 -2.68 0.09
C PHE A 76 -8.66 -2.23 1.54
N LEU A 77 -9.13 -3.11 2.41
CA LEU A 77 -9.19 -2.86 3.86
C LEU A 77 -8.07 -3.66 4.54
N THR A 78 -7.01 -2.97 4.99
CA THR A 78 -5.85 -3.60 5.65
C THR A 78 -6.27 -4.00 7.08
N PRO A 79 -6.30 -5.32 7.41
CA PRO A 79 -6.79 -5.73 8.74
C PRO A 79 -6.07 -5.08 9.97
N SER A 80 -4.77 -4.84 9.86
CA SER A 80 -4.00 -4.19 10.96
C SER A 80 -4.28 -2.67 11.10
N ASP A 81 -4.94 -2.07 10.10
CA ASP A 81 -5.42 -0.67 10.16
C ASP A 81 -6.92 -0.63 10.49
N ALA A 82 -7.68 -1.58 9.92
CA ALA A 82 -9.16 -1.73 10.12
C ALA A 82 -9.68 -1.58 11.56
N VAL A 83 -9.12 -2.38 12.46
CA VAL A 83 -9.47 -2.35 13.90
C VAL A 83 -8.89 -1.13 14.68
N HIS A 84 -8.17 -0.25 13.96
CA HIS A 84 -7.57 0.97 14.47
C HIS A 84 -8.07 2.22 13.74
N GLY A 85 -9.30 2.16 13.23
CA GLY A 85 -10.02 3.27 12.62
C GLY A 85 -10.45 3.17 11.17
N THR A 86 -9.76 2.36 10.35
CA THR A 86 -10.08 2.31 8.92
C THR A 86 -11.37 1.57 8.62
N LEU A 87 -11.93 0.84 9.62
CA LEU A 87 -13.29 0.26 9.45
C LEU A 87 -14.35 1.33 9.17
N GLY A 88 -14.04 2.59 9.46
CA GLY A 88 -14.90 3.72 9.04
C GLY A 88 -15.08 3.88 7.53
N VAL A 89 -14.23 3.26 6.71
CA VAL A 89 -14.39 3.26 5.23
C VAL A 89 -15.64 2.43 4.79
N LEU A 90 -16.05 1.47 5.62
CA LEU A 90 -17.16 0.56 5.35
C LEU A 90 -18.48 1.22 5.73
N GLN A 91 -19.40 1.26 4.76
CA GLN A 91 -20.72 1.88 4.97
C GLN A 91 -21.86 0.89 4.67
N LYS A 92 -23.08 1.26 5.08
CA LYS A 92 -24.28 0.39 4.94
C LYS A 92 -24.54 -0.16 3.52
N GLU A 93 -24.30 0.67 2.50
CA GLU A 93 -24.55 0.37 1.09
C GLU A 93 -23.40 -0.41 0.45
N ASP A 94 -22.40 -0.79 1.25
CA ASP A 94 -21.23 -1.46 0.73
C ASP A 94 -21.31 -2.98 0.81
N ILE A 95 -20.37 -3.61 0.10
CA ILE A 95 -20.20 -5.05 0.11
C ILE A 95 -18.82 -5.34 0.69
N LEU A 96 -18.76 -6.02 1.84
CA LEU A 96 -17.50 -6.45 2.42
C LEU A 96 -17.21 -7.86 1.94
N ILE A 97 -16.03 -8.05 1.36
CA ILE A 97 -15.56 -9.34 0.89
C ILE A 97 -14.37 -9.73 1.76
N LEU A 98 -14.52 -10.83 2.52
CA LEU A 98 -13.45 -11.36 3.35
C LEU A 98 -12.88 -12.59 2.67
N ILE A 99 -11.57 -12.59 2.43
CA ILE A 99 -10.87 -13.71 1.75
C ILE A 99 -9.97 -14.41 2.76
N SER A 100 -10.36 -15.63 3.11
CA SER A 100 -9.63 -16.44 4.07
C SER A 100 -9.79 -17.91 3.71
N LYS A 101 -8.70 -18.59 3.34
CA LYS A 101 -8.76 -20.01 2.93
C LYS A 101 -9.44 -20.86 3.98
N GLY A 102 -8.89 -20.88 5.21
CA GLY A 102 -9.50 -21.63 6.30
C GLY A 102 -10.77 -21.01 6.88
N GLY A 103 -11.01 -19.73 6.61
CA GLY A 103 -12.23 -19.00 7.03
C GLY A 103 -12.34 -18.57 8.49
N ASN A 104 -11.28 -18.80 9.26
CA ASN A 104 -11.25 -18.43 10.69
C ASN A 104 -10.09 -17.49 11.05
N THR A 105 -9.49 -16.82 10.05
CA THR A 105 -8.35 -15.91 10.30
C THR A 105 -8.80 -14.80 11.26
N GLY A 106 -8.25 -14.80 12.48
CA GLY A 106 -8.65 -13.86 13.56
C GLY A 106 -8.71 -12.39 13.19
N GLU A 107 -7.76 -11.95 12.36
CA GLU A 107 -7.70 -10.56 11.87
C GLU A 107 -8.95 -10.15 11.09
N LEU A 108 -9.54 -11.10 10.37
CA LEU A 108 -10.76 -10.87 9.59
C LEU A 108 -12.01 -11.06 10.43
N LEU A 109 -11.99 -12.03 11.35
CA LEU A 109 -13.16 -12.28 12.21
C LEU A 109 -13.46 -11.05 13.06
N ASN A 110 -12.42 -10.34 13.48
CA ASN A 110 -12.52 -9.05 14.21
C ASN A 110 -13.25 -7.92 13.46
N LEU A 111 -13.41 -8.06 12.14
CA LEU A 111 -14.09 -7.12 11.25
C LEU A 111 -15.59 -7.39 11.11
N ILE A 112 -16.04 -8.59 11.49
CA ILE A 112 -17.45 -8.99 11.28
C ILE A 112 -18.42 -8.21 12.17
N PRO A 113 -18.09 -8.04 13.47
CA PRO A 113 -19.04 -7.25 14.29
C PRO A 113 -19.35 -5.84 13.72
N ALA A 114 -18.34 -5.13 13.23
CA ALA A 114 -18.56 -3.81 12.59
C ALA A 114 -19.41 -3.91 11.33
N CYS A 115 -19.14 -4.93 10.51
CA CYS A 115 -19.97 -5.19 9.32
C CYS A 115 -21.45 -5.37 9.69
N LYS A 116 -21.74 -6.13 10.74
CA LYS A 116 -23.12 -6.38 11.21
C LYS A 116 -23.79 -5.11 11.75
N THR A 117 -23.05 -4.33 12.54
CA THR A 117 -23.53 -3.06 13.08
C THR A 117 -23.84 -2.06 11.97
N LYS A 118 -22.97 -2.02 10.95
CA LYS A 118 -23.12 -1.09 9.84
C LYS A 118 -24.19 -1.52 8.84
N GLY A 119 -24.52 -2.81 8.79
CA GLY A 119 -25.53 -3.35 7.89
C GLY A 119 -25.07 -3.65 6.46
N SER A 120 -23.75 -3.73 6.26
CA SER A 120 -23.20 -4.02 4.93
C SER A 120 -23.48 -5.47 4.55
N THR A 121 -23.29 -5.76 3.26
CA THR A 121 -23.39 -7.11 2.73
C THR A 121 -22.05 -7.83 2.89
N LEU A 122 -22.04 -8.99 3.53
CA LEU A 122 -20.82 -9.80 3.72
C LEU A 122 -20.75 -10.97 2.71
N ILE A 123 -19.66 -11.02 1.93
CA ILE A 123 -19.37 -12.15 1.02
C ILE A 123 -18.17 -12.83 1.67
N GLY A 124 -18.29 -14.10 2.04
CA GLY A 124 -17.20 -14.84 2.67
C GLY A 124 -16.56 -15.79 1.68
N VAL A 125 -15.31 -15.54 1.33
CA VAL A 125 -14.57 -16.33 0.33
C VAL A 125 -13.63 -17.29 1.05
N THR A 126 -14.03 -18.56 1.12
CA THR A 126 -13.29 -19.55 1.89
C THR A 126 -13.55 -20.98 1.39
N GLU A 127 -12.66 -21.90 1.76
CA GLU A 127 -12.87 -23.33 1.40
C GLU A 127 -13.78 -24.04 2.41
N ASN A 128 -13.83 -23.50 3.62
CA ASN A 128 -14.44 -24.15 4.78
C ASN A 128 -15.89 -23.74 5.07
N PRO A 129 -16.89 -24.62 4.74
CA PRO A 129 -18.30 -24.26 4.96
C PRO A 129 -18.74 -24.16 6.44
N ASP A 130 -17.94 -24.70 7.37
CA ASP A 130 -18.20 -24.67 8.82
C ASP A 130 -17.39 -23.57 9.54
N SER A 131 -16.70 -22.73 8.76
CA SER A 131 -15.95 -21.58 9.30
C SER A 131 -16.89 -20.43 9.67
N VAL A 132 -16.38 -19.53 10.50
CA VAL A 132 -17.11 -18.33 10.94
C VAL A 132 -17.46 -17.44 9.73
N ILE A 133 -16.48 -17.23 8.85
CA ILE A 133 -16.64 -16.41 7.65
C ILE A 133 -17.75 -17.00 6.74
N ALA A 134 -17.74 -18.31 6.55
CA ALA A 134 -18.80 -18.98 5.76
C ALA A 134 -20.17 -18.87 6.41
N LYS A 135 -20.22 -19.04 7.74
CA LYS A 135 -21.49 -19.01 8.49
C LYS A 135 -22.08 -17.62 8.69
N GLU A 136 -21.22 -16.62 8.87
CA GLU A 136 -21.65 -15.23 9.06
C GLU A 136 -21.96 -14.50 7.76
N ALA A 137 -21.50 -15.01 6.62
CA ALA A 137 -21.68 -14.31 5.36
C ALA A 137 -23.11 -14.27 4.90
N ASP A 138 -23.47 -13.20 4.20
CA ASP A 138 -24.76 -13.09 3.50
C ASP A 138 -24.67 -13.92 2.21
N ILE A 139 -23.48 -13.95 1.61
CA ILE A 139 -23.18 -14.85 0.48
C ILE A 139 -21.91 -15.62 0.85
N PHE A 140 -22.05 -16.91 1.13
CA PHE A 140 -20.90 -17.82 1.31
C PHE A 140 -20.49 -18.16 -0.15
N PHE A 141 -19.24 -17.84 -0.47
CA PHE A 141 -18.66 -18.00 -1.80
C PHE A 141 -17.56 -19.08 -1.69
N PRO A 142 -17.95 -20.36 -1.84
CA PRO A 142 -16.95 -21.43 -1.75
C PRO A 142 -15.93 -21.43 -2.89
N VAL A 143 -14.69 -21.68 -2.55
CA VAL A 143 -13.58 -21.81 -3.52
C VAL A 143 -12.55 -22.70 -2.81
N SER A 144 -12.02 -23.70 -3.51
CA SER A 144 -11.04 -24.60 -2.92
C SER A 144 -10.20 -25.25 -4.00
N VAL A 145 -9.08 -25.83 -3.57
CA VAL A 145 -8.14 -26.56 -4.42
C VAL A 145 -7.79 -27.88 -3.73
N SER A 146 -7.65 -28.94 -4.53
CA SER A 146 -7.35 -30.28 -4.05
C SER A 146 -5.86 -30.64 -4.01
N LYS A 147 -5.04 -29.88 -4.74
CA LYS A 147 -3.60 -30.11 -4.86
C LYS A 147 -2.85 -28.77 -4.88
N GLU A 148 -1.93 -28.59 -3.92
CA GLU A 148 -1.07 -27.40 -3.83
C GLU A 148 0.32 -27.81 -4.33
N PRO A 149 0.91 -27.06 -5.29
CA PRO A 149 2.18 -27.48 -5.89
C PRO A 149 3.46 -27.42 -5.07
N ASP A 150 3.48 -26.65 -3.98
CA ASP A 150 4.70 -26.51 -3.15
C ASP A 150 4.97 -27.79 -2.33
N PRO A 151 6.26 -28.14 -2.07
CA PRO A 151 6.59 -29.37 -1.31
C PRO A 151 5.96 -29.50 0.10
N PHE A 152 5.67 -28.37 0.75
CA PHE A 152 5.02 -28.37 2.08
C PHE A 152 3.50 -28.32 2.09
N ASN A 153 2.85 -28.07 0.93
CA ASN A 153 1.39 -27.91 0.83
C ASN A 153 0.92 -26.69 1.68
N LEU A 155 2.34 -22.84 0.83
CA LEU A 155 2.38 -21.52 0.13
C LEU A 155 1.01 -20.99 -0.37
N ALA A 156 0.07 -21.90 -0.61
CA ALA A 156 -1.28 -21.57 -1.09
C ALA A 156 -1.30 -20.84 -2.46
N THR A 157 -0.41 -21.23 -3.38
CA THR A 157 -0.29 -20.61 -4.72
C THR A 157 -1.54 -20.96 -5.57
N ALA A 158 -1.84 -22.25 -5.68
CA ALA A 158 -3.05 -22.67 -6.39
C ALA A 158 -4.33 -22.08 -5.76
N SER A 159 -4.41 -22.06 -4.43
CA SER A 159 -5.58 -21.51 -3.72
C SER A 159 -5.80 -20.04 -4.06
N THR A 160 -4.69 -19.28 -4.05
CA THR A 160 -4.72 -17.85 -4.39
C THR A 160 -5.21 -17.64 -5.82
N ALA A 162 -6.97 -19.73 -7.68
CA ALA A 162 -8.38 -20.14 -7.75
C ALA A 162 -9.31 -18.99 -7.29
N VAL A 163 -8.95 -18.33 -6.20
CA VAL A 163 -9.70 -17.13 -5.76
C VAL A 163 -9.68 -16.00 -6.79
N ILE A 164 -8.50 -15.67 -7.32
CA ILE A 164 -8.37 -14.58 -8.29
C ILE A 164 -9.21 -14.93 -9.54
N ALA A 165 -9.00 -16.13 -10.08
CA ALA A 165 -9.77 -16.60 -11.25
C ALA A 165 -11.27 -16.58 -11.02
N SER A 166 -11.72 -16.97 -9.82
CA SER A 166 -13.15 -16.93 -9.49
C SER A 166 -13.73 -15.52 -9.69
N PHE A 167 -13.06 -14.50 -9.13
CA PHE A 167 -13.53 -13.13 -9.28
C PHE A 167 -13.23 -12.52 -10.66
N ASP A 168 -12.19 -13.00 -11.36
CA ASP A 168 -11.93 -12.56 -12.74
C ASP A 168 -13.18 -12.88 -13.57
N ALA A 169 -13.75 -14.07 -13.36
CA ALA A 169 -14.95 -14.51 -14.08
C ALA A 169 -16.15 -13.64 -13.69
N VAL A 170 -16.31 -13.39 -12.40
CA VAL A 170 -17.37 -12.49 -11.94
C VAL A 170 -17.23 -11.13 -12.63
N ILE A 171 -16.02 -10.59 -12.65
CA ILE A 171 -15.75 -9.29 -13.22
C ILE A 171 -15.97 -9.19 -14.73
N VAL A 172 -15.45 -10.17 -15.46
CA VAL A 172 -15.65 -10.26 -16.91
C VAL A 172 -17.15 -10.37 -17.20
N CYS A 173 -17.84 -11.22 -16.43
CA CYS A 173 -19.30 -11.37 -16.57
C CYS A 173 -20.02 -10.03 -16.35
N LEU A 174 -19.60 -9.29 -15.33
CA LEU A 174 -20.15 -7.93 -15.06
C LEU A 174 -20.04 -6.94 -16.24
N THR A 176 -20.33 -7.46 -19.43
CA THR A 176 -21.48 -7.77 -20.31
C THR A 176 -22.80 -7.48 -19.58
N TYR A 177 -22.93 -7.94 -18.31
CA TYR A 177 -24.14 -7.77 -17.50
C TYR A 177 -24.55 -6.31 -17.37
N ASN A 179 -23.38 -3.75 -19.37
CA ASN A 179 -23.20 -3.02 -20.64
C ASN A 179 -22.06 -1.99 -20.52
N TYR A 180 -20.95 -2.43 -19.93
CA TYR A 180 -19.75 -1.60 -19.73
C TYR A 180 -19.17 -1.28 -21.10
N THR A 181 -18.76 -0.03 -21.32
CA THR A 181 -18.27 0.44 -22.63
C THR A 181 -16.78 0.73 -22.68
N LYS A 182 -16.25 0.75 -23.91
CA LYS A 182 -14.86 1.11 -24.18
C LYS A 182 -14.64 2.58 -23.80
N GLU A 183 -15.69 3.40 -23.96
CA GLU A 183 -15.62 4.83 -23.62
C GLU A 183 -15.40 5.02 -22.11
N GLN A 184 -16.13 4.26 -21.29
CA GLN A 184 -15.93 4.25 -19.83
C GLN A 184 -14.53 3.79 -19.49
N PHE A 185 -14.07 2.69 -20.12
CA PHE A 185 -12.70 2.18 -19.96
C PHE A 185 -11.65 3.26 -20.27
N SER A 186 -11.85 3.99 -21.36
CA SER A 186 -10.89 5.01 -21.80
C SER A 186 -10.69 6.17 -20.81
N VAL A 187 -11.76 6.55 -20.10
CA VAL A 187 -11.72 7.63 -19.10
C VAL A 187 -10.80 7.29 -17.95
N ILE A 188 -10.94 6.06 -17.45
CA ILE A 188 -10.14 5.55 -16.29
C ILE A 188 -8.80 4.86 -16.69
N HIS A 189 -8.49 4.77 -17.99
CA HIS A 189 -7.21 4.22 -18.47
C HIS A 189 -6.50 5.24 -19.40
N PRO A 190 -6.31 6.50 -18.94
CA PRO A 190 -5.63 7.50 -19.80
C PRO A 190 -4.12 7.27 -20.01
N GLY A 191 -3.47 6.49 -19.13
CA GLY A 191 -2.03 6.23 -19.21
C GLY A 191 -1.20 7.31 -18.54
N GLY A 192 0.10 7.05 -18.44
CA GLY A 192 1.07 7.98 -17.81
C GLY A 192 1.60 9.13 -18.64
N ALA A 193 1.36 9.11 -19.96
CA ALA A 193 1.85 10.17 -20.88
C ALA A 193 1.09 11.48 -20.70
N GLY B 1 -30.83 -8.33 -20.93
CA GLY B 1 -30.14 -8.73 -19.66
C GLY B 1 -29.64 -10.17 -19.67
N ASP B 3 -29.64 -14.00 -17.83
CA ASP B 3 -30.23 -15.01 -16.94
C ASP B 3 -29.11 -15.89 -16.34
N LYS B 4 -29.51 -16.79 -15.45
CA LYS B 4 -28.59 -17.71 -14.73
C LYS B 4 -27.64 -18.47 -15.65
N GLN B 5 -28.21 -19.12 -16.67
CA GLN B 5 -27.41 -19.91 -17.62
CA GLN B 5 -27.47 -19.89 -17.69
C GLN B 5 -26.42 -19.06 -18.40
N ALA B 6 -26.81 -17.83 -18.81
CA ALA B 6 -25.90 -16.92 -19.56
C ALA B 6 -24.73 -16.47 -18.69
N ILE B 7 -25.02 -16.18 -17.43
CA ILE B 7 -23.98 -15.81 -16.44
C ILE B 7 -22.95 -16.93 -16.28
N LEU B 8 -23.42 -18.14 -16.02
CA LEU B 8 -22.56 -19.32 -15.78
C LEU B 8 -21.73 -19.70 -17.02
N ASP B 9 -22.35 -19.63 -18.19
CA ASP B 9 -21.68 -19.86 -19.49
C ASP B 9 -20.53 -18.87 -19.69
N ASN B 10 -20.81 -17.60 -19.45
CA ASN B 10 -19.81 -16.53 -19.54
C ASN B 10 -18.64 -16.82 -18.60
N ILE B 11 -18.99 -17.19 -17.36
CA ILE B 11 -18.03 -17.58 -16.30
C ILE B 11 -17.20 -18.79 -16.68
N HIS B 12 -17.86 -19.80 -17.25
CA HIS B 12 -17.13 -21.01 -17.68
C HIS B 12 -16.09 -20.70 -18.76
N GLN B 13 -16.40 -19.75 -19.65
CA GLN B 13 -15.46 -19.34 -20.71
C GLN B 13 -14.23 -18.63 -20.18
N THR B 14 -14.43 -17.73 -19.21
CA THR B 14 -13.30 -17.05 -18.57
C THR B 14 -12.36 -18.05 -17.89
N TRP B 15 -12.93 -19.03 -17.17
CA TRP B 15 -12.12 -20.06 -16.54
C TRP B 15 -11.34 -20.93 -17.54
N GLN B 16 -12.02 -21.35 -18.60
CA GLN B 16 -11.35 -22.13 -19.65
C GLN B 16 -10.13 -21.39 -20.20
N GLU B 17 -10.30 -20.12 -20.53
CA GLU B 17 -9.23 -19.30 -21.10
C GLU B 17 -8.07 -19.00 -20.12
N GLU B 18 -8.40 -18.79 -18.84
CA GLU B 18 -7.37 -18.64 -17.80
C GLU B 18 -6.59 -19.94 -17.57
N ALA B 19 -7.27 -21.08 -17.56
CA ALA B 19 -6.56 -22.37 -17.43
C ALA B 19 -5.66 -22.60 -18.63
N ASN B 20 -6.18 -22.28 -19.83
CA ASN B 20 -5.41 -22.39 -21.09
C ASN B 20 -4.13 -21.57 -21.02
N ALA B 21 -4.24 -20.34 -20.49
CA ALA B 21 -3.09 -19.42 -20.38
C ALA B 21 -1.95 -20.00 -19.55
N ILE B 22 -2.31 -20.66 -18.46
CA ILE B 22 -1.34 -21.28 -17.56
C ILE B 22 -0.77 -22.55 -18.19
N SER B 23 -1.67 -23.42 -18.70
CA SER B 23 -1.24 -24.68 -19.33
CA SER B 23 -1.29 -24.68 -19.37
C SER B 23 -0.28 -24.43 -20.49
N ARG B 24 -0.49 -23.33 -21.22
CA ARG B 24 0.37 -22.92 -22.35
C ARG B 24 1.66 -22.18 -21.96
N LEU B 25 1.95 -22.02 -20.67
CA LEU B 25 3.20 -21.31 -20.27
C LEU B 25 4.52 -21.81 -20.89
N PRO B 26 4.70 -23.13 -21.10
CA PRO B 26 5.96 -23.57 -21.78
C PRO B 26 6.13 -23.03 -23.21
N GLU B 27 5.00 -22.76 -23.90
CA GLU B 27 5.04 -22.23 -25.26
CA GLU B 27 4.95 -22.21 -25.27
C GLU B 27 5.32 -20.73 -25.33
N VAL B 28 5.13 -20.01 -24.21
CA VAL B 28 5.37 -18.54 -24.16
C VAL B 28 6.55 -18.07 -23.29
N THR B 29 7.11 -18.94 -22.48
CA THR B 29 8.28 -18.60 -21.64
C THR B 29 9.57 -19.17 -22.25
N SER B 30 10.68 -18.73 -21.68
CA SER B 30 12.03 -19.15 -22.10
C SER B 30 12.64 -20.06 -21.06
N GLU B 31 13.00 -21.27 -21.47
CA GLU B 31 13.69 -22.23 -20.58
C GLU B 31 14.97 -21.63 -19.94
N GLU B 32 15.79 -20.95 -20.75
CA GLU B 32 17.04 -20.30 -20.28
C GLU B 32 16.74 -19.23 -19.26
N ALA B 33 15.73 -18.40 -19.54
CA ALA B 33 15.31 -17.33 -18.61
C ALA B 33 14.79 -17.88 -17.27
N LEU B 34 14.00 -18.94 -17.32
CA LEU B 34 13.49 -19.63 -16.14
C LEU B 34 14.64 -20.16 -15.26
N VAL B 35 15.64 -20.77 -15.89
CA VAL B 35 16.79 -21.31 -15.15
C VAL B 35 17.63 -20.17 -14.58
N LYS B 36 17.94 -19.18 -15.42
CA LYS B 36 18.76 -18.02 -14.98
C LYS B 36 18.11 -17.24 -13.85
N THR B 37 16.78 -17.09 -13.92
CA THR B 37 16.02 -16.39 -12.87
C THR B 37 16.09 -17.15 -11.52
N VAL B 38 15.94 -18.47 -11.55
CA VAL B 38 16.03 -19.32 -10.36
C VAL B 38 17.43 -19.23 -9.70
N GLU B 39 18.47 -19.40 -10.51
CA GLU B 39 19.86 -19.32 -10.04
C GLU B 39 20.17 -17.94 -9.48
N LYS B 40 19.84 -16.89 -10.24
CA LYS B 40 20.15 -15.52 -9.82
C LYS B 40 19.45 -15.17 -8.50
N ILE B 41 18.18 -15.54 -8.33
CA ILE B 41 17.46 -15.28 -7.06
C ILE B 41 18.03 -16.11 -5.90
N ALA B 42 18.34 -17.39 -6.12
CA ALA B 42 18.94 -18.25 -5.07
C ALA B 42 20.27 -17.71 -4.57
N GLU B 43 21.04 -17.08 -5.47
CA GLU B 43 22.36 -16.51 -5.17
C GLU B 43 22.33 -15.06 -4.68
N CYS B 44 21.19 -14.40 -4.78
CA CYS B 44 21.05 -13.00 -4.39
C CYS B 44 21.34 -12.77 -2.90
N THR B 45 22.31 -11.89 -2.62
CA THR B 45 22.67 -11.50 -1.24
C THR B 45 21.92 -10.23 -0.76
N GLY B 46 21.15 -9.60 -1.66
CA GLY B 46 20.37 -8.41 -1.37
C GLY B 46 18.90 -8.76 -1.32
N LYS B 47 18.08 -7.95 -1.99
CA LYS B 47 16.63 -8.15 -2.00
C LYS B 47 16.06 -8.00 -3.39
N ILE B 48 14.81 -8.42 -3.53
CA ILE B 48 14.12 -8.37 -4.80
C ILE B 48 13.20 -7.17 -4.75
N VAL B 49 13.41 -6.23 -5.65
CA VAL B 49 12.58 -5.02 -5.75
C VAL B 49 11.70 -5.19 -7.00
N VAL B 50 10.39 -5.11 -6.82
CA VAL B 50 9.45 -5.36 -7.92
C VAL B 50 8.54 -4.15 -8.15
N ALA B 51 8.46 -3.70 -9.40
CA ALA B 51 7.62 -2.56 -9.82
C ALA B 51 6.66 -2.92 -10.96
N GLY B 52 5.44 -2.40 -10.84
CA GLY B 52 4.40 -2.57 -11.81
C GLY B 52 3.29 -1.58 -11.58
N CYS B 53 2.54 -1.27 -12.65
CA CYS B 53 1.38 -0.39 -12.62
C CYS B 53 0.09 -1.19 -12.82
N GLY B 54 -0.96 -0.79 -12.11
CA GLY B 54 -2.23 -1.43 -12.23
C GLY B 54 -2.18 -2.93 -11.99
N THR B 55 -2.72 -3.72 -12.93
CA THR B 55 -2.78 -5.18 -12.75
C THR B 55 -1.37 -5.80 -12.68
N SER B 56 -0.39 -5.24 -13.40
CA SER B 56 1.01 -5.67 -13.31
C SER B 56 1.53 -5.41 -11.89
N GLY B 57 1.10 -4.29 -11.29
CA GLY B 57 1.40 -3.97 -9.90
C GLY B 57 0.87 -5.00 -8.92
N VAL B 58 -0.35 -5.54 -9.16
CA VAL B 58 -0.89 -6.58 -8.31
C VAL B 58 -0.06 -7.85 -8.46
N ALA B 59 0.25 -8.22 -9.71
CA ALA B 59 1.14 -9.35 -9.95
C ALA B 59 2.47 -9.11 -9.19
N ALA B 60 3.00 -7.88 -9.30
CA ALA B 60 4.24 -7.50 -8.60
C ALA B 60 4.15 -7.77 -7.10
N LYS B 61 3.04 -7.37 -6.48
CA LYS B 61 2.80 -7.60 -5.04
C LYS B 61 2.71 -9.08 -4.68
N LYS B 62 2.23 -9.90 -5.62
CA LYS B 62 2.13 -11.33 -5.43
C LYS B 62 3.56 -11.89 -5.37
N LEU B 63 4.42 -11.47 -6.29
CA LEU B 63 5.84 -11.90 -6.27
C LEU B 63 6.47 -11.50 -4.95
N VAL B 64 6.20 -10.26 -4.51
CA VAL B 64 6.81 -9.73 -3.27
C VAL B 64 6.39 -10.58 -2.07
N HIS B 65 5.09 -10.87 -1.97
CA HIS B 65 4.60 -11.68 -0.88
C HIS B 65 5.27 -13.08 -0.86
N SER B 66 5.17 -13.77 -1.97
CA SER B 66 5.67 -15.13 -2.02
C SER B 66 7.21 -15.27 -1.89
N PHE B 67 7.98 -14.32 -2.41
CA PHE B 67 9.45 -14.31 -2.24
C PHE B 67 9.78 -14.18 -0.73
N ASN B 68 9.13 -13.25 -0.02
CA ASN B 68 9.32 -13.13 1.43
C ASN B 68 8.95 -14.43 2.18
N CYS B 69 7.87 -15.10 1.77
CA CYS B 69 7.44 -16.36 2.38
C CYS B 69 8.53 -17.45 2.37
N ILE B 70 9.40 -17.43 1.36
CA ILE B 70 10.52 -18.39 1.24
C ILE B 70 11.90 -17.81 1.60
N GLU B 71 11.95 -16.80 2.47
CA GLU B 71 13.20 -16.16 2.87
C GLU B 71 14.06 -15.56 1.73
N ARG B 72 13.36 -14.97 0.75
CA ARG B 72 13.97 -14.16 -0.30
C ARG B 72 13.40 -12.75 -0.09
N PRO B 73 14.09 -11.92 0.74
CA PRO B 73 13.59 -10.55 1.01
C PRO B 73 13.15 -9.83 -0.25
N ALA B 74 11.97 -9.24 -0.20
CA ALA B 74 11.38 -8.59 -1.34
C ALA B 74 10.50 -7.41 -0.92
N VAL B 75 10.45 -6.40 -1.80
CA VAL B 75 9.65 -5.21 -1.58
C VAL B 75 9.04 -4.68 -2.87
N PHE B 76 7.87 -4.07 -2.73
CA PHE B 76 7.18 -3.42 -3.82
C PHE B 76 7.68 -1.97 -3.96
N LEU B 77 8.02 -1.60 -5.19
CA LEU B 77 8.46 -0.24 -5.54
C LEU B 77 7.32 0.42 -6.29
N THR B 78 6.67 1.40 -5.66
CA THR B 78 5.52 2.06 -6.29
C THR B 78 6.07 3.09 -7.24
N PRO B 79 5.79 2.97 -8.57
CA PRO B 79 6.37 3.93 -9.54
C PRO B 79 6.15 5.43 -9.25
N SER B 80 4.96 5.81 -8.80
CA SER B 80 4.69 7.25 -8.48
C SER B 80 5.46 7.77 -7.25
N ASP B 81 5.93 6.87 -6.40
CA ASP B 81 6.82 7.23 -5.27
C ASP B 81 8.29 7.07 -5.64
N ALA B 82 8.61 6.03 -6.44
CA ALA B 82 9.97 5.67 -6.90
C ALA B 82 10.76 6.87 -7.44
N VAL B 83 10.15 7.61 -8.37
CA VAL B 83 10.77 8.78 -9.02
C VAL B 83 10.76 10.05 -8.17
N HIS B 84 10.16 9.94 -6.97
CA HIS B 84 10.16 11.00 -5.98
C HIS B 84 10.86 10.57 -4.69
N GLY B 85 11.86 9.69 -4.82
CA GLY B 85 12.72 9.28 -3.73
C GLY B 85 12.78 7.85 -3.28
N THR B 86 11.75 7.05 -3.53
CA THR B 86 11.75 5.68 -3.03
C THR B 86 12.67 4.76 -3.85
N LEU B 87 13.22 5.26 -4.98
CA LEU B 87 14.32 4.55 -5.68
C LEU B 87 15.52 4.34 -4.76
N GLY B 88 15.62 5.11 -3.65
CA GLY B 88 16.67 4.84 -2.63
C GLY B 88 16.59 3.44 -2.01
N VAL B 89 15.46 2.75 -2.18
CA VAL B 89 15.31 1.39 -1.63
C VAL B 89 16.16 0.40 -2.43
N LEU B 90 16.42 0.72 -3.70
CA LEU B 90 17.14 -0.15 -4.62
C LEU B 90 18.62 -0.01 -4.41
N GLN B 91 19.32 -1.14 -4.27
CA GLN B 91 20.76 -1.13 -4.01
C GLN B 91 21.50 -2.07 -4.96
N LYS B 92 22.83 -1.98 -4.95
CA LYS B 92 23.69 -2.77 -5.84
C LYS B 92 23.46 -4.30 -5.86
N GLU B 93 23.30 -4.91 -4.68
CA GLU B 93 23.11 -6.36 -4.53
CA GLU B 93 23.12 -6.36 -4.54
C GLU B 93 21.70 -6.87 -4.84
N ASP B 94 20.79 -5.94 -5.13
CA ASP B 94 19.40 -6.25 -5.43
C ASP B 94 19.12 -6.66 -6.87
N ILE B 95 17.92 -7.22 -7.02
CA ILE B 95 17.36 -7.60 -8.33
C ILE B 95 16.11 -6.79 -8.53
N LEU B 96 16.09 -5.97 -9.58
CA LEU B 96 14.91 -5.17 -9.91
C LEU B 96 14.10 -5.95 -10.95
N ILE B 97 12.84 -6.22 -10.63
CA ILE B 97 11.93 -6.92 -11.54
C ILE B 97 10.86 -5.91 -11.99
N LEU B 98 10.80 -5.63 -13.30
CA LEU B 98 9.81 -4.73 -13.89
C LEU B 98 8.83 -5.57 -14.70
N ILE B 99 7.56 -5.41 -14.37
CA ILE B 99 6.46 -6.16 -14.97
C ILE B 99 5.63 -5.18 -15.80
N SER B 100 5.68 -5.37 -17.11
CA SER B 100 4.94 -4.54 -18.08
C SER B 100 4.57 -5.41 -19.29
N LYS B 101 3.30 -5.64 -19.57
CA LYS B 101 2.88 -6.52 -20.70
C LYS B 101 3.54 -6.11 -22.02
N GLY B 102 3.40 -4.83 -22.38
CA GLY B 102 3.95 -4.28 -23.62
C GLY B 102 5.42 -3.90 -23.54
N GLY B 103 5.93 -3.74 -22.31
CA GLY B 103 7.33 -3.44 -22.04
C GLY B 103 7.82 -2.00 -22.15
N ASN B 104 6.91 -1.09 -22.46
CA ASN B 104 7.22 0.32 -22.69
C ASN B 104 6.50 1.28 -21.72
N THR B 105 5.95 0.75 -20.63
CA THR B 105 5.20 1.52 -19.63
C THR B 105 6.09 2.63 -19.10
N GLY B 106 5.75 3.86 -19.47
CA GLY B 106 6.50 5.06 -19.11
C GLY B 106 6.95 5.11 -17.65
N GLU B 107 6.04 4.76 -16.74
CA GLU B 107 6.34 4.82 -15.30
C GLU B 107 7.47 3.90 -14.85
N LEU B 108 7.66 2.78 -15.54
CA LEU B 108 8.75 1.82 -15.29
C LEU B 108 10.00 2.19 -16.05
N LEU B 109 9.88 2.75 -17.24
CA LEU B 109 11.06 3.19 -18.05
C LEU B 109 11.84 4.25 -17.30
N ASN B 110 11.14 5.13 -16.58
CA ASN B 110 11.74 6.13 -15.69
C ASN B 110 12.63 5.58 -14.56
N LEU B 111 12.49 4.28 -14.24
CA LEU B 111 13.25 3.60 -13.20
C LEU B 111 14.56 2.95 -13.72
N ILE B 112 14.65 2.74 -15.04
CA ILE B 112 15.82 2.09 -15.63
C ILE B 112 17.15 2.85 -15.45
N PRO B 113 17.23 4.17 -15.71
CA PRO B 113 18.51 4.87 -15.48
C PRO B 113 19.08 4.68 -14.06
N ALA B 114 18.22 4.75 -13.03
CA ALA B 114 18.64 4.56 -11.62
C ALA B 114 19.13 3.13 -11.42
N CYS B 115 18.44 2.14 -12.01
CA CYS B 115 18.85 0.73 -11.92
C CYS B 115 20.29 0.53 -12.48
N LYS B 116 20.55 1.15 -13.62
CA LYS B 116 21.87 1.07 -14.29
C LYS B 116 22.95 1.77 -13.48
N THR B 117 22.63 2.95 -12.94
CA THR B 117 23.55 3.71 -12.09
C THR B 117 23.92 2.92 -10.82
N LYS B 118 22.90 2.35 -10.17
CA LYS B 118 23.09 1.55 -8.93
C LYS B 118 23.74 0.17 -9.11
N GLY B 119 23.72 -0.38 -10.33
CA GLY B 119 24.31 -1.70 -10.63
C GLY B 119 23.46 -2.93 -10.33
N SER B 120 22.17 -2.75 -10.06
CA SER B 120 21.25 -3.85 -9.76
C SER B 120 21.01 -4.72 -11.01
N THR B 121 20.64 -5.98 -10.79
CA THR B 121 20.29 -6.88 -11.89
C THR B 121 18.87 -6.53 -12.28
N LEU B 122 18.61 -6.36 -13.58
CA LEU B 122 17.30 -6.04 -14.11
C LEU B 122 16.67 -7.26 -14.79
N ILE B 123 15.47 -7.66 -14.32
CA ILE B 123 14.69 -8.75 -14.93
C ILE B 123 13.45 -8.07 -15.52
N GLY B 124 13.34 -8.11 -16.85
CA GLY B 124 12.24 -7.54 -17.62
C GLY B 124 11.17 -8.58 -17.91
N VAL B 125 9.99 -8.42 -17.30
CA VAL B 125 8.87 -9.35 -17.44
C VAL B 125 7.84 -8.74 -18.41
N THR B 126 7.88 -9.19 -19.66
CA THR B 126 7.10 -8.61 -20.74
C THR B 126 6.87 -9.57 -21.93
N GLU B 127 5.82 -9.31 -22.72
CA GLU B 127 5.54 -10.10 -23.92
C GLU B 127 6.34 -9.65 -25.15
N ASN B 128 6.84 -8.41 -25.09
CA ASN B 128 7.45 -7.72 -26.21
C ASN B 128 9.00 -7.80 -26.21
N PRO B 129 9.59 -8.64 -27.11
CA PRO B 129 11.04 -8.71 -27.13
C PRO B 129 11.75 -7.47 -27.69
N ASP B 130 11.00 -6.61 -28.38
CA ASP B 130 11.47 -5.36 -28.96
C ASP B 130 11.28 -4.16 -28.03
N SER B 131 10.72 -4.38 -26.84
CA SER B 131 10.47 -3.29 -25.89
C SER B 131 11.75 -2.84 -25.18
N VAL B 132 11.70 -1.65 -24.60
CA VAL B 132 12.85 -1.12 -23.83
C VAL B 132 13.15 -2.04 -22.63
N ILE B 133 12.11 -2.52 -21.95
CA ILE B 133 12.28 -3.42 -20.78
C ILE B 133 12.97 -4.74 -21.17
N ALA B 134 12.55 -5.36 -22.28
CA ALA B 134 13.18 -6.59 -22.79
C ALA B 134 14.65 -6.34 -23.18
N LYS B 135 14.87 -5.28 -23.96
CA LYS B 135 16.19 -4.87 -24.46
C LYS B 135 17.20 -4.42 -23.37
N GLU B 136 16.72 -3.65 -22.39
CA GLU B 136 17.58 -3.18 -21.29
C GLU B 136 17.84 -4.22 -20.19
N ALA B 137 17.00 -5.23 -20.08
CA ALA B 137 17.10 -6.25 -19.01
C ALA B 137 18.36 -7.10 -19.07
N ASP B 138 18.85 -7.49 -17.88
CA ASP B 138 19.95 -8.46 -17.77
C ASP B 138 19.40 -9.86 -18.07
N ILE B 139 18.14 -10.07 -17.63
CA ILE B 139 17.37 -11.28 -17.90
C ILE B 139 16.02 -10.87 -18.51
N PHE B 140 15.84 -11.09 -19.80
CA PHE B 140 14.54 -10.87 -20.46
C PHE B 140 13.72 -12.12 -20.12
N PHE B 141 12.60 -11.90 -19.45
CA PHE B 141 11.73 -12.97 -18.99
C PHE B 141 10.46 -12.91 -19.83
N PRO B 142 10.46 -13.62 -20.98
CA PRO B 142 9.22 -13.54 -21.78
C PRO B 142 8.02 -14.25 -21.13
N VAL B 143 6.85 -13.61 -21.20
CA VAL B 143 5.58 -14.17 -20.77
C VAL B 143 4.49 -13.47 -21.57
N SER B 144 3.54 -14.27 -22.07
CA SER B 144 2.42 -13.75 -22.83
C SER B 144 1.25 -14.73 -22.82
N VAL B 145 0.13 -14.25 -23.34
CA VAL B 145 -1.09 -15.05 -23.56
C VAL B 145 -1.67 -14.73 -24.94
N SER B 146 -2.18 -15.76 -25.61
CA SER B 146 -2.77 -15.66 -26.94
C SER B 146 -4.20 -15.17 -26.94
N LYS B 147 -4.87 -15.24 -25.77
CA LYS B 147 -6.28 -14.89 -25.66
CA LYS B 147 -6.28 -14.87 -25.66
C LYS B 147 -6.63 -14.36 -24.27
N GLU B 148 -7.30 -13.20 -24.25
CA GLU B 148 -7.80 -12.58 -23.03
C GLU B 148 -9.32 -12.80 -23.00
N PRO B 149 -9.87 -13.26 -21.86
CA PRO B 149 -11.34 -13.47 -21.78
C PRO B 149 -12.26 -12.23 -21.82
N ASP B 150 -11.83 -11.06 -21.37
CA ASP B 150 -12.75 -9.89 -21.34
C ASP B 150 -13.20 -9.46 -22.78
N PRO B 151 -14.48 -8.99 -22.96
CA PRO B 151 -14.98 -8.60 -24.30
C PRO B 151 -14.18 -7.57 -25.11
N PHE B 152 -13.35 -6.75 -24.44
CA PHE B 152 -12.52 -5.75 -25.12
CA PHE B 152 -12.52 -5.74 -25.11
C PHE B 152 -11.09 -6.23 -25.35
N ASN B 153 -10.67 -7.29 -24.66
CA ASN B 153 -9.29 -7.81 -24.68
C ASN B 153 -8.34 -6.72 -24.13
N LEU B 155 -8.63 -5.91 -20.20
CA LEU B 155 -8.41 -6.13 -18.74
C LEU B 155 -7.10 -6.87 -18.35
N ALA B 156 -6.53 -7.65 -19.26
CA ALA B 156 -5.26 -8.38 -18.96
C ALA B 156 -5.34 -9.39 -17.81
N THR B 157 -6.50 -10.04 -17.66
CA THR B 157 -6.73 -11.02 -16.58
C THR B 157 -5.88 -12.27 -16.78
N ALA B 158 -5.91 -12.86 -17.99
CA ALA B 158 -5.06 -14.04 -18.27
C ALA B 158 -3.56 -13.72 -18.23
N SER B 159 -3.18 -12.56 -18.78
CA SER B 159 -1.81 -11.99 -18.76
C SER B 159 -1.31 -11.92 -17.34
N THR B 160 -2.13 -11.34 -16.48
CA THR B 160 -1.78 -11.20 -15.05
C THR B 160 -1.56 -12.53 -14.39
N ALA B 162 -0.85 -15.34 -15.90
CA ALA B 162 0.32 -16.03 -16.52
C ALA B 162 1.63 -15.56 -15.83
N VAL B 163 1.74 -14.27 -15.49
CA VAL B 163 2.93 -13.74 -14.78
C VAL B 163 3.02 -14.33 -13.37
N ILE B 164 1.90 -14.32 -12.66
CA ILE B 164 1.84 -14.83 -11.28
C ILE B 164 2.24 -16.29 -11.27
N ALA B 165 1.63 -17.08 -12.18
CA ALA B 165 1.96 -18.52 -12.32
C ALA B 165 3.43 -18.75 -12.63
N SER B 166 3.98 -17.95 -13.54
CA SER B 166 5.41 -18.05 -13.90
C SER B 166 6.30 -17.95 -12.66
N PHE B 167 6.06 -16.91 -11.88
CA PHE B 167 6.83 -16.68 -10.66
C PHE B 167 6.48 -17.66 -9.53
N ASP B 168 5.23 -18.14 -9.47
CA ASP B 168 4.85 -19.20 -8.53
C ASP B 168 5.76 -20.42 -8.76
N ALA B 169 5.93 -20.80 -10.03
CA ALA B 169 6.81 -21.93 -10.40
C ALA B 169 8.26 -21.67 -9.98
N VAL B 170 8.77 -20.45 -10.23
CA VAL B 170 10.12 -20.03 -9.82
C VAL B 170 10.29 -20.22 -8.29
N ILE B 171 9.34 -19.65 -7.55
CA ILE B 171 9.35 -19.68 -6.07
C ILE B 171 9.22 -21.11 -5.52
N VAL B 172 8.35 -21.93 -6.10
CA VAL B 172 8.21 -23.33 -5.68
C VAL B 172 9.52 -24.10 -5.98
N CYS B 173 10.16 -23.78 -7.10
CA CYS B 173 11.39 -24.43 -7.51
C CYS B 173 12.51 -24.06 -6.55
N LEU B 174 12.54 -22.77 -6.15
CA LEU B 174 13.53 -22.28 -5.19
C LEU B 174 13.48 -22.96 -3.81
N THR B 176 12.96 -26.11 -3.16
CA THR B 176 13.80 -27.33 -3.31
C THR B 176 15.27 -26.93 -3.48
N TYR B 177 15.50 -26.00 -4.40
CA TYR B 177 16.86 -25.49 -4.74
C TYR B 177 17.65 -25.03 -3.53
N ASN B 179 16.87 -25.75 -0.28
CA ASN B 179 16.57 -26.64 0.85
C ASN B 179 15.79 -25.87 1.95
N TYR B 180 14.76 -25.10 1.54
CA TYR B 180 13.93 -24.34 2.46
C TYR B 180 13.23 -25.30 3.40
N THR B 181 13.20 -24.95 4.69
CA THR B 181 12.67 -25.81 5.73
C THR B 181 11.40 -25.29 6.39
N LYS B 182 10.71 -26.21 7.03
CA LYS B 182 9.49 -25.93 7.80
C LYS B 182 9.80 -25.04 9.01
N GLU B 183 10.97 -25.24 9.63
CA GLU B 183 11.46 -24.42 10.77
C GLU B 183 11.54 -22.94 10.36
N GLN B 184 12.18 -22.66 9.22
CA GLN B 184 12.26 -21.30 8.66
C GLN B 184 10.88 -20.70 8.38
N PHE B 185 9.97 -21.52 7.84
CA PHE B 185 8.59 -21.13 7.55
C PHE B 185 7.85 -20.76 8.84
N SER B 186 8.00 -21.55 9.90
CA SER B 186 7.30 -21.30 11.17
C SER B 186 7.71 -19.95 11.81
N VAL B 187 8.97 -19.55 11.63
CA VAL B 187 9.49 -18.27 12.15
C VAL B 187 8.73 -17.06 11.60
N ILE B 188 8.48 -17.07 10.29
CA ILE B 188 7.81 -15.97 9.56
C ILE B 188 6.29 -16.12 9.33
N HIS B 189 5.72 -17.27 9.73
CA HIS B 189 4.26 -17.55 9.69
C HIS B 189 3.70 -17.93 11.08
N PRO B 190 3.95 -17.13 12.14
CA PRO B 190 3.37 -17.48 13.44
C PRO B 190 1.84 -17.29 13.56
N GLY B 191 1.23 -16.51 12.67
CA GLY B 191 -0.21 -16.22 12.71
C GLY B 191 -0.52 -15.17 13.78
N GLY C 1 -23.42 23.35 11.07
CA GLY C 1 -24.02 23.64 12.41
C GLY C 1 -23.22 24.52 13.36
N ASP C 3 -20.70 28.45 13.22
CA ASP C 3 -20.33 29.62 12.36
C ASP C 3 -18.84 29.72 11.99
N LYS C 4 -18.54 30.60 11.03
CA LYS C 4 -17.17 30.81 10.52
C LYS C 4 -16.09 30.95 11.61
N GLN C 5 -16.34 31.84 12.56
CA GLN C 5 -15.37 32.10 13.64
C GLN C 5 -15.21 30.90 14.58
N ALA C 6 -16.30 30.17 14.85
CA ALA C 6 -16.26 28.92 15.66
C ALA C 6 -15.39 27.85 14.96
N ILE C 7 -15.52 27.76 13.62
CA ILE C 7 -14.71 26.83 12.82
C ILE C 7 -13.22 27.24 12.89
N LEU C 8 -12.94 28.50 12.61
CA LEU C 8 -11.56 29.02 12.68
C LEU C 8 -10.92 28.93 14.09
N ASP C 9 -11.69 29.24 15.14
CA ASP C 9 -11.20 29.13 16.54
C ASP C 9 -10.86 27.69 16.90
N ASN C 10 -11.71 26.74 16.47
CA ASN C 10 -11.51 25.30 16.69
C ASN C 10 -10.20 24.86 16.01
N ILE C 11 -10.07 25.22 14.72
CA ILE C 11 -8.88 24.95 13.89
C ILE C 11 -7.58 25.51 14.51
N HIS C 12 -7.60 26.79 14.91
CA HIS C 12 -6.40 27.42 15.49
C HIS C 12 -5.91 26.73 16.75
N GLN C 13 -6.83 26.23 17.58
CA GLN C 13 -6.51 25.51 18.82
CA GLN C 13 -6.46 25.53 18.82
C GLN C 13 -5.72 24.25 18.47
N THR C 14 -6.20 23.49 17.48
CA THR C 14 -5.51 22.25 17.05
C THR C 14 -4.07 22.56 16.60
N TRP C 15 -3.90 23.58 15.77
CA TRP C 15 -2.58 23.92 15.28
C TRP C 15 -1.66 24.38 16.40
N GLN C 16 -2.21 25.13 17.36
CA GLN C 16 -1.41 25.56 18.51
C GLN C 16 -0.94 24.34 19.31
N GLU C 17 -1.85 23.39 19.57
CA GLU C 17 -1.54 22.17 20.32
C GLU C 17 -0.51 21.27 19.61
N GLU C 18 -0.61 21.18 18.28
CA GLU C 18 0.34 20.40 17.46
C GLU C 18 1.73 21.09 17.43
N ALA C 19 1.74 22.41 17.26
CA ALA C 19 2.99 23.20 17.30
C ALA C 19 3.67 23.03 18.66
N ASN C 20 2.89 23.08 19.74
CA ASN C 20 3.40 22.84 21.12
C ASN C 20 4.02 21.44 21.24
N ALA C 21 3.33 20.43 20.71
CA ALA C 21 3.79 19.03 20.77
C ALA C 21 5.19 18.85 20.17
N ILE C 22 5.40 19.50 19.03
CA ILE C 22 6.68 19.45 18.31
C ILE C 22 7.77 20.21 19.08
N SER C 23 7.42 21.41 19.54
CA SER C 23 8.39 22.25 20.27
C SER C 23 8.89 21.61 21.59
N ARG C 24 8.02 20.82 22.26
CA ARG C 24 8.38 20.04 23.47
C ARG C 24 9.23 18.75 23.22
N LEU C 25 9.57 18.42 21.98
CA LEU C 25 10.34 17.21 21.71
C LEU C 25 11.62 16.99 22.53
N PRO C 26 12.42 18.07 22.77
CA PRO C 26 13.61 17.86 23.63
C PRO C 26 13.25 17.35 25.04
N GLU C 27 12.04 17.67 25.50
CA GLU C 27 11.57 17.27 26.83
C GLU C 27 11.05 15.82 26.92
N VAL C 28 10.53 15.27 25.81
CA VAL C 28 9.88 13.95 25.81
C VAL C 28 10.73 12.85 25.14
N THR C 29 11.81 13.22 24.48
CA THR C 29 12.72 12.25 23.85
C THR C 29 13.99 12.12 24.71
N SER C 30 14.77 11.09 24.42
CA SER C 30 16.01 10.79 25.11
C SER C 30 17.18 11.21 24.23
N GLU C 31 18.11 11.99 24.79
CA GLU C 31 19.29 12.44 24.03
CA GLU C 31 19.29 12.45 24.04
C GLU C 31 20.14 11.25 23.61
N GLU C 32 20.34 10.31 24.53
CA GLU C 32 21.12 9.09 24.24
C GLU C 32 20.49 8.30 23.08
N ALA C 33 19.17 8.16 23.10
CA ALA C 33 18.45 7.43 22.03
C ALA C 33 18.57 8.13 20.67
N LEU C 34 18.47 9.46 20.65
CA LEU C 34 18.63 10.25 19.42
C LEU C 34 19.99 9.99 18.78
N VAL C 35 21.04 10.14 19.58
CA VAL C 35 22.41 9.92 19.09
C VAL C 35 22.65 8.49 18.65
N LYS C 36 22.22 7.52 19.46
CA LYS C 36 22.38 6.09 19.14
C LYS C 36 21.58 5.69 17.90
N THR C 37 20.42 6.31 17.69
CA THR C 37 19.60 6.07 16.49
C THR C 37 20.31 6.61 15.24
N VAL C 38 20.82 7.84 15.30
CA VAL C 38 21.59 8.42 14.19
C VAL C 38 22.80 7.54 13.83
N GLU C 39 23.59 7.19 14.84
CA GLU C 39 24.78 6.35 14.66
C GLU C 39 24.46 4.99 14.04
N LYS C 40 23.55 4.26 14.67
CA LYS C 40 23.16 2.91 14.20
C LYS C 40 22.61 2.91 12.76
N ILE C 41 21.75 3.89 12.41
CA ILE C 41 21.21 3.99 11.04
C ILE C 41 22.32 4.34 10.02
N ALA C 42 23.20 5.28 10.39
CA ALA C 42 24.36 5.64 9.55
C ALA C 42 25.27 4.44 9.23
N GLU C 43 25.43 3.55 10.21
CA GLU C 43 26.30 2.36 10.12
C GLU C 43 25.62 1.14 9.51
N CYS C 44 24.28 1.16 9.44
CA CYS C 44 23.47 0.04 8.97
C CYS C 44 23.82 -0.39 7.53
N THR C 45 24.23 -1.66 7.37
CA THR C 45 24.56 -2.25 6.08
C THR C 45 23.38 -3.02 5.45
N GLY C 46 22.26 -3.10 6.18
CA GLY C 46 21.04 -3.76 5.71
C GLY C 46 20.01 -2.70 5.36
N LYS C 47 18.77 -2.89 5.82
CA LYS C 47 17.70 -1.94 5.57
C LYS C 47 16.91 -1.68 6.83
N ILE C 48 16.06 -0.65 6.77
CA ILE C 48 15.23 -0.25 7.90
C ILE C 48 13.84 -0.82 7.64
N VAL C 49 13.34 -1.63 8.55
CA VAL C 49 11.98 -2.23 8.39
C VAL C 49 11.12 -1.55 9.46
N VAL C 50 10.05 -0.88 9.05
CA VAL C 50 9.20 -0.13 10.01
C VAL C 50 7.78 -0.69 9.98
N ALA C 51 7.20 -0.94 11.17
CA ALA C 51 5.83 -1.42 11.29
C ALA C 51 5.02 -0.61 12.30
N GLY C 52 3.76 -0.42 11.99
CA GLY C 52 2.79 0.23 12.86
C GLY C 52 1.38 -0.03 12.36
N CYS C 53 0.44 0.18 13.26
CA CYS C 53 -0.98 -0.01 13.01
C CYS C 53 -1.70 1.33 12.95
N GLY C 54 -2.69 1.43 12.06
CA GLY C 54 -3.49 2.64 12.00
C GLY C 54 -2.66 3.89 11.83
N THR C 55 -2.88 4.91 12.67
CA THR C 55 -2.13 6.17 12.53
CA THR C 55 -2.13 6.17 12.53
C THR C 55 -0.62 5.94 12.68
N SER C 56 -0.21 5.01 13.58
CA SER C 56 1.21 4.63 13.75
C SER C 56 1.83 4.05 12.45
N GLY C 57 1.02 3.33 11.67
CA GLY C 57 1.42 2.82 10.37
C GLY C 57 1.63 3.95 9.38
N VAL C 58 0.85 5.03 9.45
CA VAL C 58 1.08 6.18 8.55
C VAL C 58 2.42 6.85 8.95
N ALA C 59 2.66 7.01 10.27
CA ALA C 59 3.96 7.48 10.75
C ALA C 59 5.11 6.62 10.20
N ALA C 60 4.93 5.29 10.25
CA ALA C 60 5.92 4.33 9.73
C ALA C 60 6.21 4.57 8.25
N LYS C 61 5.15 4.77 7.46
CA LYS C 61 5.31 5.03 5.99
C LYS C 61 6.09 6.33 5.75
N LYS C 62 5.94 7.34 6.64
CA LYS C 62 6.64 8.58 6.48
C LYS C 62 8.11 8.30 6.72
N LEU C 63 8.45 7.62 7.82
CA LEU C 63 9.86 7.23 8.04
C LEU C 63 10.42 6.48 6.81
N VAL C 64 9.68 5.49 6.33
CA VAL C 64 10.12 4.71 5.16
C VAL C 64 10.43 5.58 3.93
N HIS C 65 9.50 6.49 3.60
CA HIS C 65 9.70 7.41 2.48
C HIS C 65 10.99 8.22 2.66
N SER C 66 11.07 8.91 3.79
CA SER C 66 12.19 9.84 4.05
C SER C 66 13.57 9.16 4.20
N PHE C 67 13.62 7.98 4.80
CA PHE C 67 14.85 7.18 4.85
C PHE C 67 15.30 6.83 3.42
N ASN C 68 14.38 6.35 2.56
CA ASN C 68 14.76 6.02 1.18
C ASN C 68 15.31 7.26 0.43
N CYS C 69 14.73 8.43 0.72
CA CYS C 69 15.12 9.69 0.10
C CYS C 69 16.56 10.09 0.35
N ILE C 70 17.12 9.65 1.48
CA ILE C 70 18.51 9.92 1.87
C ILE C 70 19.42 8.69 1.67
N GLU C 71 19.02 7.74 0.80
CA GLU C 71 19.82 6.53 0.56
C GLU C 71 20.04 5.63 1.80
N ARG C 72 19.00 5.55 2.63
CA ARG C 72 18.93 4.58 3.72
C ARG C 72 17.76 3.67 3.34
N PRO C 73 18.03 2.57 2.58
CA PRO C 73 16.92 1.68 2.15
C PRO C 73 15.99 1.31 3.30
N ALA C 74 14.70 1.42 3.04
CA ALA C 74 13.69 1.18 4.05
C ALA C 74 12.40 0.64 3.44
N VAL C 75 11.73 -0.19 4.24
CA VAL C 75 10.46 -0.80 3.83
CA VAL C 75 10.47 -0.81 3.82
C VAL C 75 9.46 -0.87 4.98
N PHE C 76 8.18 -0.70 4.62
CA PHE C 76 7.09 -0.79 5.57
C PHE C 76 6.71 -2.27 5.67
N LEU C 77 6.54 -2.76 6.90
CA LEU C 77 6.10 -4.12 7.21
C LEU C 77 4.68 -4.05 7.72
N THR C 78 3.73 -4.55 6.92
CA THR C 78 2.30 -4.55 7.26
C THR C 78 2.03 -5.64 8.28
N PRO C 79 1.65 -5.28 9.53
CA PRO C 79 1.48 -6.34 10.53
C PRO C 79 0.52 -7.50 10.15
N SER C 80 -0.59 -7.20 9.44
CA SER C 80 -1.52 -8.25 8.98
C SER C 80 -0.95 -9.18 7.88
N ASP C 81 0.16 -8.77 7.24
CA ASP C 81 0.90 -9.63 6.31
C ASP C 81 2.13 -10.29 6.95
N ALA C 82 2.82 -9.52 7.81
CA ALA C 82 4.04 -9.95 8.56
C ALA C 82 3.99 -11.33 9.15
N VAL C 83 2.96 -11.60 9.95
CA VAL C 83 2.78 -12.90 10.62
C VAL C 83 2.22 -14.00 9.70
N HIS C 84 1.93 -13.64 8.45
CA HIS C 84 1.51 -14.57 7.39
C HIS C 84 2.56 -14.66 6.25
N GLY C 85 3.83 -14.49 6.61
CA GLY C 85 5.00 -14.66 5.71
C GLY C 85 5.88 -13.48 5.36
N THR C 86 5.39 -12.24 5.46
CA THR C 86 6.21 -11.08 5.05
C THR C 86 7.33 -10.77 6.06
N LEU C 87 7.31 -11.40 7.24
CA LEU C 87 8.47 -11.33 8.18
C LEU C 87 9.78 -11.87 7.54
N GLY C 88 9.67 -12.63 6.44
CA GLY C 88 10.82 -13.03 5.65
C GLY C 88 11.62 -11.86 5.10
N VAL C 89 11.01 -10.67 5.00
CA VAL C 89 11.74 -9.47 4.56
C VAL C 89 12.81 -9.01 5.58
N LEU C 90 12.66 -9.37 6.86
CA LEU C 90 13.51 -8.89 7.96
C LEU C 90 14.74 -9.81 8.04
N GLN C 91 15.92 -9.22 8.04
CA GLN C 91 17.18 -9.97 8.07
C GLN C 91 18.11 -9.46 9.17
N LYS C 92 19.16 -10.23 9.43
CA LYS C 92 20.10 -9.94 10.52
C LYS C 92 20.65 -8.51 10.59
N GLU C 93 21.12 -8.01 9.43
CA GLU C 93 21.74 -6.68 9.33
CA GLU C 93 21.74 -6.68 9.35
C GLU C 93 20.74 -5.52 9.34
N ASP C 94 19.44 -5.83 9.46
CA ASP C 94 18.40 -4.83 9.48
C ASP C 94 18.11 -4.22 10.85
N ILE C 95 17.37 -3.11 10.77
CA ILE C 95 16.85 -2.39 11.91
C ILE C 95 15.33 -2.44 11.82
N LEU C 96 14.68 -3.10 12.76
CA LEU C 96 13.22 -3.14 12.87
C LEU C 96 12.79 -1.99 13.78
N ILE C 97 11.91 -1.12 13.29
CA ILE C 97 11.39 0.01 14.09
C ILE C 97 9.91 -0.25 14.33
N LEU C 98 9.50 -0.48 15.57
CA LEU C 98 8.09 -0.69 15.88
C LEU C 98 7.53 0.60 16.48
N ILE C 99 6.51 1.18 15.84
CA ILE C 99 5.86 2.42 16.33
C ILE C 99 4.53 2.08 16.98
N SER C 100 4.42 2.28 18.30
CA SER C 100 3.17 2.05 19.04
C SER C 100 3.08 3.04 20.18
N LYS C 101 2.09 3.92 20.21
CA LYS C 101 1.97 4.92 21.31
C LYS C 101 1.96 4.26 22.70
N GLY C 102 1.05 3.29 22.87
CA GLY C 102 0.92 2.57 24.12
C GLY C 102 2.04 1.58 24.33
N GLY C 103 2.57 1.04 23.22
CA GLY C 103 3.71 0.11 23.24
C GLY C 103 3.39 -1.36 23.44
N ASN C 104 2.11 -1.71 23.55
CA ASN C 104 1.67 -3.10 23.75
C ASN C 104 0.69 -3.58 22.67
N THR C 105 0.65 -2.87 21.54
CA THR C 105 -0.21 -3.21 20.40
C THR C 105 0.13 -4.67 19.98
N GLY C 106 -0.85 -5.56 20.18
CA GLY C 106 -0.72 -7.00 19.96
C GLY C 106 -0.18 -7.35 18.59
N GLU C 107 -0.66 -6.63 17.57
CA GLU C 107 -0.20 -6.88 16.19
C GLU C 107 1.29 -6.68 16.01
N LEU C 108 1.91 -5.76 16.76
CA LEU C 108 3.37 -5.53 16.75
C LEU C 108 4.08 -6.48 17.71
N LEU C 109 3.48 -6.77 18.88
CA LEU C 109 4.12 -7.70 19.84
C LEU C 109 4.35 -9.06 19.21
N ASN C 110 3.48 -9.45 18.28
CA ASN C 110 3.62 -10.70 17.55
C ASN C 110 4.85 -10.75 16.62
N LEU C 111 5.45 -9.58 16.31
CA LEU C 111 6.65 -9.48 15.46
C LEU C 111 7.99 -9.58 16.23
N ILE C 112 7.95 -9.47 17.55
CA ILE C 112 9.15 -9.46 18.39
C ILE C 112 9.89 -10.83 18.40
N PRO C 113 9.16 -11.97 18.57
CA PRO C 113 9.89 -13.27 18.54
C PRO C 113 10.72 -13.48 17.26
N ALA C 114 10.13 -13.20 16.09
CA ALA C 114 10.87 -13.29 14.83
C ALA C 114 12.03 -12.30 14.78
N CYS C 115 11.85 -11.06 15.28
CA CYS C 115 12.95 -10.09 15.36
C CYS C 115 14.10 -10.66 16.20
N LYS C 116 13.76 -11.25 17.35
CA LYS C 116 14.75 -11.84 18.26
C LYS C 116 15.49 -13.02 17.64
N THR C 117 14.75 -13.90 16.96
CA THR C 117 15.31 -15.05 16.23
C THR C 117 16.29 -14.61 15.13
N LYS C 118 15.89 -13.61 14.35
CA LYS C 118 16.68 -13.06 13.23
C LYS C 118 17.93 -12.23 13.63
N GLY C 119 17.99 -11.75 14.87
CA GLY C 119 19.12 -10.95 15.37
C GLY C 119 19.15 -9.49 14.95
N SER C 120 18.04 -9.00 14.41
CA SER C 120 17.92 -7.60 13.95
C SER C 120 17.98 -6.61 15.12
N THR C 121 18.34 -5.35 14.87
CA THR C 121 18.30 -4.32 15.90
C THR C 121 16.86 -3.84 16.03
N LEU C 122 16.35 -3.80 17.26
CA LEU C 122 14.94 -3.37 17.50
C LEU C 122 14.92 -1.98 18.11
N ILE C 123 14.29 -1.02 17.43
CA ILE C 123 14.07 0.34 17.93
C ILE C 123 12.60 0.38 18.34
N GLY C 124 12.34 0.62 19.62
CA GLY C 124 10.97 0.70 20.13
C GLY C 124 10.53 2.13 20.32
N VAL C 125 9.59 2.58 19.47
CA VAL C 125 9.08 3.97 19.51
C VAL C 125 7.71 4.02 20.22
N THR C 126 7.71 4.52 21.46
CA THR C 126 6.52 4.53 22.30
C THR C 126 6.64 5.53 23.43
N GLU C 127 5.50 5.88 24.03
CA GLU C 127 5.48 6.80 25.20
C GLU C 127 5.68 6.05 26.51
N ASN C 128 5.39 4.74 26.51
CA ASN C 128 5.33 3.94 27.72
C ASN C 128 6.63 3.19 27.97
N PRO C 129 7.46 3.62 28.98
CA PRO C 129 8.72 2.91 29.27
C PRO C 129 8.55 1.49 29.87
N ASP C 130 7.37 1.20 30.42
CA ASP C 130 7.01 -0.11 30.99
C ASP C 130 6.37 -1.06 29.96
N SER C 131 6.21 -0.61 28.71
CA SER C 131 5.63 -1.46 27.66
C SER C 131 6.60 -2.56 27.19
N VAL C 132 6.02 -3.60 26.58
CA VAL C 132 6.79 -4.72 26.01
C VAL C 132 7.75 -4.22 24.92
N ILE C 133 7.26 -3.32 24.06
CA ILE C 133 8.09 -2.71 23.03
C ILE C 133 9.26 -1.93 23.63
N ALA C 134 9.00 -1.14 24.67
CA ALA C 134 10.04 -0.36 25.38
C ALA C 134 11.10 -1.31 26.00
N LYS C 135 10.62 -2.31 26.74
CA LYS C 135 11.45 -3.31 27.42
C LYS C 135 12.25 -4.24 26.49
N GLU C 136 11.67 -4.68 25.37
CA GLU C 136 12.32 -5.58 24.40
C GLU C 136 13.30 -4.88 23.43
N ALA C 137 13.15 -3.55 23.26
CA ALA C 137 13.94 -2.76 22.33
C ALA C 137 15.43 -2.72 22.65
N ASP C 138 16.27 -2.78 21.62
CA ASP C 138 17.71 -2.56 21.77
C ASP C 138 17.96 -1.06 21.98
N ILE C 139 17.15 -0.23 21.27
CA ILE C 139 17.11 1.23 21.46
C ILE C 139 15.66 1.59 21.77
N PHE C 140 15.39 1.93 23.03
CA PHE C 140 14.10 2.45 23.44
C PHE C 140 14.14 3.92 23.06
N PHE C 141 13.23 4.29 22.18
CA PHE C 141 13.15 5.64 21.62
C PHE C 141 11.88 6.27 22.19
N PRO C 142 11.97 6.94 23.36
CA PRO C 142 10.74 7.54 23.90
C PRO C 142 10.26 8.75 23.11
N VAL C 143 8.94 8.83 22.92
CA VAL C 143 8.29 10.02 22.34
C VAL C 143 6.88 10.06 22.94
N SER C 144 6.42 11.25 23.33
CA SER C 144 5.11 11.43 23.91
C SER C 144 4.58 12.86 23.72
N VAL C 145 3.28 13.02 23.95
CA VAL C 145 2.60 14.32 23.91
C VAL C 145 1.76 14.42 25.18
N SER C 146 1.59 15.65 25.68
CA SER C 146 0.81 15.92 26.91
C SER C 146 -0.65 16.29 26.67
N LYS C 147 -1.02 16.64 25.42
CA LYS C 147 -2.43 16.98 25.11
C LYS C 147 -2.74 16.74 23.63
N GLU C 148 -3.74 15.89 23.37
CA GLU C 148 -4.23 15.62 22.00
C GLU C 148 -5.35 16.63 21.72
N PRO C 149 -5.30 17.31 20.54
CA PRO C 149 -6.27 18.36 20.27
C PRO C 149 -7.74 17.99 20.05
N ASP C 150 -8.04 16.71 19.79
CA ASP C 150 -9.42 16.26 19.57
C ASP C 150 -10.21 16.22 20.89
N PRO C 151 -11.55 16.38 20.83
CA PRO C 151 -12.35 16.38 22.07
C PRO C 151 -12.35 15.06 22.89
N PHE C 152 -12.13 13.90 22.26
CA PHE C 152 -12.09 12.62 23.01
C PHE C 152 -10.75 12.30 23.68
N ASN C 153 -9.67 13.00 23.28
CA ASN C 153 -8.28 12.66 23.68
C ASN C 153 -7.93 11.23 23.16
N LEU C 155 -7.86 10.60 19.01
CA LEU C 155 -7.36 10.61 17.61
C LEU C 155 -5.86 10.48 17.40
N ALA C 156 -5.03 10.80 18.41
CA ALA C 156 -3.57 10.62 18.31
C ALA C 156 -2.89 11.45 17.21
N THR C 157 -3.45 12.62 16.91
CA THR C 157 -2.96 13.56 15.88
C THR C 157 -1.61 14.15 16.34
N ALA C 158 -1.58 14.73 17.54
CA ALA C 158 -0.32 15.27 18.07
C ALA C 158 0.75 14.20 18.28
N SER C 159 0.36 13.01 18.77
CA SER C 159 1.28 11.89 19.00
CA SER C 159 1.31 11.91 19.00
C SER C 159 1.97 11.51 17.69
N THR C 160 1.16 11.41 16.63
CA THR C 160 1.68 11.05 15.31
C THR C 160 2.65 12.10 14.79
N ALA C 162 4.46 14.17 16.53
CA ALA C 162 5.63 14.08 17.41
C ALA C 162 6.56 12.94 16.94
N VAL C 163 5.99 11.80 16.55
CA VAL C 163 6.77 10.67 16.02
C VAL C 163 7.44 11.03 14.67
N ILE C 164 6.65 11.57 13.74
CA ILE C 164 7.12 11.99 12.43
C ILE C 164 8.23 13.02 12.54
N ALA C 165 7.98 14.04 13.38
CA ALA C 165 8.99 15.09 13.61
C ALA C 165 10.25 14.52 14.20
N SER C 166 10.11 13.58 15.13
CA SER C 166 11.26 13.00 15.81
C SER C 166 12.23 12.40 14.79
N PHE C 167 11.69 11.60 13.89
CA PHE C 167 12.49 10.99 12.80
C PHE C 167 12.88 11.95 11.65
N ASP C 168 12.06 12.96 11.35
CA ASP C 168 12.45 14.02 10.41
C ASP C 168 13.81 14.60 10.88
N ALA C 169 13.92 14.86 12.18
CA ALA C 169 15.19 15.39 12.72
C ALA C 169 16.36 14.39 12.58
N VAL C 170 16.11 13.12 12.85
CA VAL C 170 17.13 12.06 12.71
C VAL C 170 17.59 12.00 11.27
N ILE C 171 16.62 12.01 10.36
CA ILE C 171 16.89 11.94 8.90
C ILE C 171 17.64 13.17 8.38
N VAL C 172 17.20 14.37 8.79
CA VAL C 172 17.90 15.59 8.40
C VAL C 172 19.34 15.56 8.96
N CYS C 173 19.49 15.13 10.22
CA CYS C 173 20.81 14.99 10.81
C CYS C 173 21.68 14.00 10.03
N LEU C 174 21.06 12.89 9.61
CA LEU C 174 21.79 11.89 8.82
C LEU C 174 22.38 12.45 7.52
N THR C 176 23.76 15.31 7.01
CA THR C 176 25.05 15.94 7.34
C THR C 176 26.02 14.87 7.87
N TYR C 177 25.56 13.98 8.75
CA TYR C 177 26.38 12.92 9.35
C TYR C 177 27.05 12.07 8.28
N ASN C 179 27.29 12.92 4.98
CA ASN C 179 27.74 13.74 3.83
CA ASN C 179 27.70 13.77 3.84
C ASN C 179 26.94 13.39 2.55
N TYR C 180 25.60 13.34 2.69
CA TYR C 180 24.69 13.00 1.58
C TYR C 180 24.76 14.15 0.57
N THR C 181 24.84 13.82 -0.73
CA THR C 181 25.04 14.82 -1.78
C THR C 181 23.81 15.04 -2.63
N LYS C 182 23.77 16.19 -3.30
CA LYS C 182 22.72 16.49 -4.27
C LYS C 182 22.80 15.54 -5.46
N GLU C 183 24.01 15.03 -5.78
CA GLU C 183 24.19 14.07 -6.89
CA GLU C 183 24.16 14.08 -6.91
C GLU C 183 23.42 12.77 -6.60
N GLN C 184 23.52 12.30 -5.36
CA GLN C 184 22.81 11.08 -4.92
CA GLN C 184 22.81 11.08 -4.89
C GLN C 184 21.30 11.30 -4.95
N PHE C 185 20.86 12.46 -4.44
CA PHE C 185 19.44 12.85 -4.44
C PHE C 185 18.85 12.84 -5.86
N SER C 186 19.57 13.40 -6.82
CA SER C 186 19.11 13.48 -8.23
C SER C 186 18.90 12.11 -8.90
N VAL C 187 19.68 11.09 -8.53
CA VAL C 187 19.54 9.74 -9.07
C VAL C 187 18.16 9.18 -8.71
N ILE C 188 17.77 9.35 -7.44
CA ILE C 188 16.50 8.83 -6.88
C ILE C 188 15.29 9.78 -6.91
N HIS C 189 15.49 11.01 -7.41
CA HIS C 189 14.40 11.99 -7.59
C HIS C 189 14.42 12.53 -9.05
N PRO C 190 14.36 11.62 -10.06
CA PRO C 190 14.35 12.08 -11.46
C PRO C 190 13.03 12.73 -11.93
N GLY C 191 11.93 12.56 -11.17
CA GLY C 191 10.61 13.06 -11.55
C GLY C 191 9.92 12.15 -12.57
N GLY C 192 8.66 12.44 -12.84
CA GLY C 192 7.83 11.65 -13.76
C GLY C 192 8.23 11.78 -15.23
N GLY D 1 34.40 15.11 12.02
CA GLY D 1 32.98 14.64 12.01
C GLY D 1 32.09 15.47 12.91
N ASP D 3 30.20 15.63 16.52
CA ASP D 3 30.15 15.11 17.90
C ASP D 3 28.70 15.10 18.41
N LYS D 4 28.51 14.61 19.64
CA LYS D 4 27.18 14.51 20.27
C LYS D 4 26.40 15.82 20.24
N GLN D 5 27.04 16.92 20.65
CA GLN D 5 26.35 18.21 20.69
C GLN D 5 26.02 18.71 19.30
N ALA D 6 26.87 18.41 18.31
CA ALA D 6 26.55 18.77 16.93
C ALA D 6 25.29 18.02 16.44
N ILE D 7 25.17 16.74 16.80
CA ILE D 7 23.99 15.91 16.46
C ILE D 7 22.74 16.52 17.13
N LEU D 8 22.85 16.80 18.43
CA LEU D 8 21.70 17.35 19.17
C LEU D 8 21.27 18.74 18.66
N ASP D 9 22.22 19.62 18.39
CA ASP D 9 21.93 20.96 17.83
C ASP D 9 21.25 20.87 16.47
N ASN D 10 21.76 19.98 15.61
CA ASN D 10 21.17 19.76 14.29
C ASN D 10 19.68 19.35 14.43
N ILE D 11 19.43 18.37 15.31
CA ILE D 11 18.09 17.84 15.62
C ILE D 11 17.17 18.93 16.19
N HIS D 12 17.69 19.67 17.16
CA HIS D 12 16.91 20.75 17.77
C HIS D 12 16.46 21.81 16.79
N GLN D 13 17.33 22.19 15.89
CA GLN D 13 16.99 23.17 14.85
C GLN D 13 15.86 22.63 13.96
N THR D 14 15.92 21.36 13.57
CA THR D 14 14.83 20.81 12.77
C THR D 14 13.46 20.94 13.46
N TRP D 15 13.41 20.61 14.76
CA TRP D 15 12.14 20.71 15.51
C TRP D 15 11.63 22.16 15.63
N GLN D 16 12.57 23.08 15.88
CA GLN D 16 12.24 24.52 15.94
C GLN D 16 11.59 25.01 14.63
N GLU D 17 12.13 24.57 13.50
CA GLU D 17 11.59 24.95 12.20
CA GLU D 17 11.59 24.93 12.18
C GLU D 17 10.22 24.30 11.94
N GLU D 18 10.08 23.00 12.28
CA GLU D 18 8.78 22.32 12.11
C GLU D 18 7.67 22.90 12.98
N ALA D 19 7.95 23.11 14.25
CA ALA D 19 6.97 23.76 15.12
C ALA D 19 6.55 25.14 14.59
N ASN D 20 7.52 25.95 14.13
CA ASN D 20 7.25 27.28 13.57
C ASN D 20 6.35 27.15 12.34
N ALA D 21 6.65 26.21 11.45
CA ALA D 21 5.78 25.99 10.26
C ALA D 21 4.30 25.72 10.59
N ILE D 22 4.07 24.96 11.65
CA ILE D 22 2.71 24.66 12.11
C ILE D 22 2.09 25.87 12.77
N SER D 23 2.84 26.56 13.64
CA SER D 23 2.31 27.77 14.30
C SER D 23 1.88 28.85 13.30
N ARG D 24 2.58 28.91 12.15
CA ARG D 24 2.30 29.85 11.06
C ARG D 24 1.17 29.47 10.12
N LEU D 25 0.52 28.32 10.33
CA LEU D 25 -0.58 27.90 9.47
C LEU D 25 -1.67 28.96 9.23
N PRO D 26 -2.11 29.71 10.29
CA PRO D 26 -3.10 30.78 10.04
C PRO D 26 -2.70 31.81 8.96
N GLU D 27 -1.41 32.12 8.84
CA GLU D 27 -0.89 33.08 7.86
C GLU D 27 -0.59 32.50 6.46
N VAL D 28 -0.55 31.17 6.31
CA VAL D 28 -0.24 30.51 5.00
C VAL D 28 -1.44 29.78 4.34
N THR D 29 -2.53 29.68 5.09
CA THR D 29 -3.77 29.05 4.65
C THR D 29 -4.84 30.12 4.50
N SER D 30 -5.92 29.73 3.83
CA SER D 30 -7.09 30.56 3.52
C SER D 30 -8.27 30.27 4.43
N GLU D 31 -8.74 31.29 5.14
CA GLU D 31 -9.91 31.14 6.04
C GLU D 31 -11.14 30.64 5.29
N GLU D 32 -11.39 31.19 4.10
CA GLU D 32 -12.52 30.78 3.25
C GLU D 32 -12.34 29.32 2.79
N ALA D 33 -11.12 28.94 2.41
CA ALA D 33 -10.83 27.55 2.00
C ALA D 33 -11.01 26.55 3.17
N LEU D 34 -10.56 26.92 4.37
CA LEU D 34 -10.73 26.09 5.59
C LEU D 34 -12.22 25.85 5.90
N VAL D 35 -13.02 26.92 5.87
CA VAL D 35 -14.46 26.81 6.13
C VAL D 35 -15.17 26.00 5.04
N LYS D 36 -14.90 26.34 3.78
CA LYS D 36 -15.51 25.61 2.63
C LYS D 36 -15.20 24.11 2.65
N THR D 37 -13.98 23.75 3.08
CA THR D 37 -13.53 22.36 3.16
C THR D 37 -14.28 21.60 4.26
N VAL D 38 -14.39 22.21 5.45
CA VAL D 38 -15.12 21.58 6.57
C VAL D 38 -16.57 21.30 6.16
N GLU D 39 -17.22 22.31 5.60
CA GLU D 39 -18.61 22.21 5.15
C GLU D 39 -18.82 21.19 4.05
N LYS D 40 -17.95 21.18 3.04
CA LYS D 40 -18.06 20.26 1.89
C LYS D 40 -17.91 18.79 2.32
N ILE D 41 -16.96 18.54 3.20
CA ILE D 41 -16.69 17.18 3.70
C ILE D 41 -17.84 16.71 4.60
N ALA D 42 -18.31 17.57 5.49
CA ALA D 42 -19.46 17.25 6.34
C ALA D 42 -20.71 16.86 5.54
N GLU D 43 -20.92 17.51 4.39
CA GLU D 43 -22.07 17.28 3.50
C GLU D 43 -21.88 16.14 2.48
N CYS D 44 -20.67 15.59 2.38
CA CYS D 44 -20.33 14.55 1.39
C CYS D 44 -21.04 13.22 1.66
N THR D 45 -21.84 12.75 0.69
CA THR D 45 -22.56 11.44 0.77
C THR D 45 -21.81 10.27 0.10
N GLY D 46 -20.69 10.57 -0.54
CA GLY D 46 -19.81 9.59 -1.16
C GLY D 46 -18.62 9.34 -0.25
N LYS D 47 -17.43 9.40 -0.83
CA LYS D 47 -16.16 9.20 -0.13
C LYS D 47 -15.13 10.24 -0.58
N ILE D 48 -14.06 10.36 0.21
CA ILE D 48 -12.96 11.26 -0.09
C ILE D 48 -11.87 10.43 -0.77
N VAL D 49 -11.37 10.89 -1.91
CA VAL D 49 -10.33 10.18 -2.68
C VAL D 49 -9.12 11.10 -2.63
N VAL D 50 -8.02 10.63 -2.07
CA VAL D 50 -6.83 11.47 -1.89
C VAL D 50 -5.66 10.85 -2.67
N ALA D 51 -4.98 11.66 -3.47
CA ALA D 51 -3.80 11.23 -4.22
C ALA D 51 -2.62 12.15 -4.01
N GLY D 52 -1.43 11.56 -3.99
CA GLY D 52 -0.19 12.29 -3.91
C GLY D 52 1.00 11.39 -4.23
N CYS D 53 2.13 11.99 -4.60
CA CYS D 53 3.40 11.32 -4.89
C CYS D 53 4.45 11.49 -3.81
N GLY D 54 5.19 10.42 -3.52
CA GLY D 54 6.25 10.47 -2.50
C GLY D 54 5.78 11.02 -1.16
N THR D 55 6.45 12.06 -0.67
CA THR D 55 6.08 12.64 0.64
C THR D 55 4.63 13.15 0.68
N SER D 56 4.17 13.74 -0.44
CA SER D 56 2.78 14.18 -0.55
C SER D 56 1.81 12.97 -0.48
N GLY D 57 2.23 11.81 -1.00
CA GLY D 57 1.47 10.59 -0.87
C GLY D 57 1.35 10.11 0.57
N VAL D 58 2.41 10.30 1.39
CA VAL D 58 2.32 9.88 2.80
C VAL D 58 1.32 10.82 3.51
N ALA D 59 1.42 12.13 3.24
CA ALA D 59 0.43 13.09 3.75
C ALA D 59 -0.99 12.69 3.35
N ALA D 60 -1.16 12.28 2.10
CA ALA D 60 -2.46 11.80 1.62
C ALA D 60 -2.99 10.59 2.40
N LYS D 61 -2.10 9.66 2.74
CA LYS D 61 -2.45 8.47 3.53
C LYS D 61 -2.88 8.83 4.96
N LYS D 62 -2.32 9.91 5.50
CA LYS D 62 -2.63 10.38 6.86
C LYS D 62 -4.07 10.89 6.84
N LEU D 63 -4.38 11.69 5.82
CA LEU D 63 -5.76 12.21 5.62
C LEU D 63 -6.74 11.05 5.52
N VAL D 64 -6.42 10.10 4.62
CA VAL D 64 -7.26 8.92 4.44
C VAL D 64 -7.53 8.21 5.75
N HIS D 65 -6.47 8.01 6.55
CA HIS D 65 -6.60 7.31 7.82
C HIS D 65 -7.53 8.07 8.80
N SER D 66 -7.19 9.32 9.03
CA SER D 66 -7.89 10.15 10.00
C SER D 66 -9.34 10.46 9.56
N PHE D 67 -9.59 10.65 8.26
CA PHE D 67 -10.98 10.80 7.78
C PHE D 67 -11.79 9.54 8.13
N ASN D 68 -11.26 8.37 7.84
CA ASN D 68 -11.97 7.11 8.18
C ASN D 68 -12.26 7.03 9.67
N CYS D 69 -11.31 7.46 10.52
CA CYS D 69 -11.49 7.44 11.98
C CYS D 69 -12.69 8.23 12.52
N ILE D 70 -13.13 9.25 11.76
CA ILE D 70 -14.30 10.06 12.11
C ILE D 70 -15.51 9.79 11.22
N GLU D 71 -15.59 8.59 10.64
CA GLU D 71 -16.74 8.22 9.80
C GLU D 71 -16.91 9.06 8.52
N ARG D 72 -15.78 9.49 7.94
CA ARG D 72 -15.74 10.13 6.63
CA ARG D 72 -15.75 10.13 6.63
C ARG D 72 -15.01 9.13 5.72
N PRO D 73 -15.75 8.19 5.03
CA PRO D 73 -15.05 7.19 4.19
C PRO D 73 -14.04 7.81 3.25
N ALA D 74 -12.83 7.25 3.23
CA ALA D 74 -11.76 7.78 2.45
C ALA D 74 -10.86 6.69 1.93
N VAL D 75 -10.30 6.94 0.76
CA VAL D 75 -9.40 5.98 0.09
C VAL D 75 -8.21 6.71 -0.55
N PHE D 76 -7.05 6.04 -0.54
CA PHE D 76 -5.87 6.57 -1.19
C PHE D 76 -5.87 6.12 -2.64
N LEU D 77 -5.71 7.07 -3.55
CA LEU D 77 -5.60 6.79 -5.00
C LEU D 77 -4.12 6.87 -5.38
N THR D 78 -3.53 5.70 -5.68
CA THR D 78 -2.13 5.61 -6.13
C THR D 78 -2.01 6.10 -7.58
N PRO D 79 -1.26 7.21 -7.82
CA PRO D 79 -1.25 7.71 -9.21
C PRO D 79 -0.76 6.75 -10.31
N SER D 80 0.21 5.88 -10.00
CA SER D 80 0.71 4.89 -10.99
C SER D 80 -0.28 3.78 -11.33
N ASP D 81 -1.34 3.62 -10.53
CA ASP D 81 -2.45 2.69 -10.76
C ASP D 81 -3.66 3.44 -11.30
N ALA D 82 -3.83 4.69 -10.87
CA ALA D 82 -4.97 5.51 -11.22
C ALA D 82 -5.19 5.63 -12.72
N VAL D 83 -4.08 5.89 -13.44
CA VAL D 83 -4.14 6.04 -14.88
C VAL D 83 -4.19 4.70 -15.64
N HIS D 84 -4.08 3.60 -14.89
CA HIS D 84 -4.23 2.23 -15.39
C HIS D 84 -5.43 1.52 -14.82
N GLY D 85 -6.53 2.26 -14.63
CA GLY D 85 -7.79 1.72 -14.17
C GLY D 85 -8.33 2.10 -12.81
N THR D 86 -7.48 2.39 -11.80
CA THR D 86 -8.04 2.71 -10.45
C THR D 86 -8.77 4.05 -10.33
N LEU D 87 -8.67 4.94 -11.35
CA LEU D 87 -9.61 6.10 -11.42
C LEU D 87 -11.09 5.67 -11.38
N GLY D 88 -11.40 4.40 -11.66
CA GLY D 88 -12.76 3.87 -11.48
C GLY D 88 -13.31 3.95 -10.05
N VAL D 89 -12.41 4.05 -9.06
CA VAL D 89 -12.84 4.28 -7.67
C VAL D 89 -13.54 5.63 -7.47
N LEU D 90 -13.20 6.62 -8.30
CA LEU D 90 -13.72 7.98 -8.18
C LEU D 90 -15.10 8.09 -8.82
N GLN D 91 -16.05 8.65 -8.07
CA GLN D 91 -17.44 8.79 -8.54
C GLN D 91 -17.94 10.22 -8.38
N LYS D 92 -19.12 10.48 -8.94
CA LYS D 92 -19.71 11.82 -8.93
C LYS D 92 -19.89 12.52 -7.55
N GLU D 93 -20.37 11.76 -6.58
CA GLU D 93 -20.61 12.22 -5.21
C GLU D 93 -19.33 12.32 -4.35
N ASP D 94 -18.17 12.02 -4.93
CA ASP D 94 -16.89 12.05 -4.19
C ASP D 94 -16.19 13.40 -4.25
N ILE D 95 -15.21 13.53 -3.37
CA ILE D 95 -14.32 14.66 -3.31
C ILE D 95 -12.93 14.12 -3.57
N LEU D 96 -12.25 14.66 -4.59
CA LEU D 96 -10.88 14.28 -4.91
C LEU D 96 -9.97 15.35 -4.31
N ILE D 97 -8.99 14.93 -3.52
CA ILE D 97 -7.98 15.81 -2.95
C ILE D 97 -6.61 15.49 -3.58
N LEU D 98 -6.09 16.43 -4.37
CA LEU D 98 -4.76 16.31 -4.94
C LEU D 98 -3.76 17.10 -4.08
N ILE D 99 -2.71 16.41 -3.60
CA ILE D 99 -1.67 17.03 -2.74
C ILE D 99 -0.39 17.15 -3.54
N SER D 100 0.00 18.38 -3.83
CA SER D 100 1.19 18.66 -4.64
C SER D 100 1.75 20.01 -4.23
N LYS D 101 2.98 20.04 -3.74
CA LYS D 101 3.61 21.30 -3.26
C LYS D 101 3.64 22.37 -4.35
N GLY D 102 4.28 22.07 -5.47
CA GLY D 102 4.34 22.97 -6.64
C GLY D 102 3.05 23.04 -7.43
N GLY D 103 2.18 22.03 -7.27
CA GLY D 103 0.88 22.00 -7.91
C GLY D 103 0.86 21.65 -9.39
N ASN D 104 2.00 21.21 -9.94
CA ASN D 104 2.10 20.80 -11.34
C ASN D 104 2.63 19.37 -11.53
N THR D 105 2.63 18.57 -10.46
CA THR D 105 3.09 17.16 -10.48
C THR D 105 2.34 16.41 -11.57
N GLY D 106 3.07 16.03 -12.62
CA GLY D 106 2.50 15.41 -13.83
C GLY D 106 1.61 14.22 -13.57
N GLU D 107 2.01 13.39 -12.59
CA GLU D 107 1.26 12.18 -12.22
C GLU D 107 -0.15 12.50 -11.70
N LEU D 108 -0.31 13.68 -11.09
CA LEU D 108 -1.60 14.16 -10.60
C LEU D 108 -2.37 14.94 -11.66
N LEU D 109 -1.69 15.74 -12.49
CA LEU D 109 -2.37 16.49 -13.56
C LEU D 109 -3.11 15.52 -14.49
N ASN D 110 -2.55 14.32 -14.70
CA ASN D 110 -3.18 13.24 -15.46
C ASN D 110 -4.51 12.71 -14.91
N LEU D 111 -4.82 13.00 -13.64
CA LEU D 111 -6.06 12.61 -12.99
C LEU D 111 -7.20 13.64 -13.10
N ILE D 112 -6.89 14.87 -13.54
CA ILE D 112 -7.87 15.96 -13.57
C ILE D 112 -8.95 15.76 -14.66
N PRO D 113 -8.55 15.37 -15.88
CA PRO D 113 -9.57 15.10 -16.93
C PRO D 113 -10.67 14.14 -16.47
N ALA D 114 -10.29 13.04 -15.79
CA ALA D 114 -11.27 12.08 -15.27
C ALA D 114 -12.16 12.67 -14.18
N CYS D 115 -11.56 13.42 -13.27
CA CYS D 115 -12.32 14.13 -12.24
C CYS D 115 -13.38 15.05 -12.90
N LYS D 116 -12.99 15.77 -13.96
CA LYS D 116 -13.92 16.68 -14.65
C LYS D 116 -15.04 15.91 -15.35
N THR D 117 -14.69 14.80 -16.02
CA THR D 117 -15.69 13.96 -16.69
C THR D 117 -16.67 13.37 -15.67
N LYS D 118 -16.11 12.92 -14.54
CA LYS D 118 -16.89 12.28 -13.49
C LYS D 118 -17.78 13.21 -12.66
N GLY D 119 -17.46 14.50 -12.62
CA GLY D 119 -18.25 15.49 -11.86
C GLY D 119 -17.95 15.57 -10.38
N SER D 120 -16.80 15.02 -9.94
CA SER D 120 -16.41 15.04 -8.54
C SER D 120 -15.96 16.45 -8.15
N THR D 121 -15.95 16.71 -6.84
CA THR D 121 -15.42 17.99 -6.31
C THR D 121 -13.89 17.84 -6.24
N LEU D 122 -13.14 18.83 -6.72
CA LEU D 122 -11.67 18.81 -6.65
C LEU D 122 -11.18 19.81 -5.63
N ILE D 123 -10.36 19.33 -4.68
CA ILE D 123 -9.69 20.18 -3.69
C ILE D 123 -8.21 20.11 -4.03
N GLY D 124 -7.60 21.26 -4.32
CA GLY D 124 -6.20 21.34 -4.70
C GLY D 124 -5.37 21.86 -3.54
N VAL D 125 -4.49 21.01 -3.00
CA VAL D 125 -3.67 21.34 -1.80
C VAL D 125 -2.25 21.62 -2.29
N THR D 126 -1.91 22.92 -2.40
CA THR D 126 -0.64 23.35 -3.01
C THR D 126 -0.20 24.72 -2.51
N GLU D 127 1.08 25.03 -2.65
CA GLU D 127 1.60 26.36 -2.27
C GLU D 127 1.46 27.38 -3.41
N ASN D 128 1.41 26.89 -4.65
CA ASN D 128 1.43 27.74 -5.84
C ASN D 128 0.02 28.09 -6.34
N PRO D 129 -0.41 29.38 -6.19
CA PRO D 129 -1.73 29.78 -6.71
C PRO D 129 -1.84 29.81 -8.27
N ASP D 130 -0.70 29.88 -8.96
CA ASP D 130 -0.60 29.86 -10.44
C ASP D 130 -0.52 28.44 -11.04
N SER D 131 -0.53 27.41 -10.19
CA SER D 131 -0.41 26.04 -10.65
C SER D 131 -1.72 25.50 -11.25
N VAL D 132 -1.58 24.43 -12.03
CA VAL D 132 -2.72 23.77 -12.66
C VAL D 132 -3.68 23.27 -11.58
N ILE D 133 -3.14 22.65 -10.52
CA ILE D 133 -3.96 22.12 -9.43
C ILE D 133 -4.78 23.21 -8.75
N ALA D 134 -4.15 24.35 -8.48
CA ALA D 134 -4.81 25.53 -7.89
C ALA D 134 -5.93 26.07 -8.78
N LYS D 135 -5.60 26.28 -10.05
CA LYS D 135 -6.54 26.84 -11.06
C LYS D 135 -7.73 25.94 -11.38
N GLU D 136 -7.49 24.64 -11.46
CA GLU D 136 -8.54 23.66 -11.80
C GLU D 136 -9.39 23.24 -10.60
N ALA D 137 -8.92 23.51 -9.38
CA ALA D 137 -9.64 23.09 -8.19
C ALA D 137 -10.97 23.81 -7.97
N ASP D 138 -11.95 23.06 -7.46
CA ASP D 138 -13.21 23.68 -7.02
C ASP D 138 -12.93 24.43 -5.71
N ILE D 139 -12.07 23.84 -4.85
CA ILE D 139 -11.58 24.48 -3.63
C ILE D 139 -10.05 24.50 -3.71
N PHE D 140 -9.47 25.68 -3.89
CA PHE D 140 -8.02 25.82 -3.86
C PHE D 140 -7.67 26.03 -2.36
N PHE D 141 -6.88 25.08 -1.83
CA PHE D 141 -6.50 24.99 -0.42
C PHE D 141 -5.01 25.34 -0.31
N PRO D 142 -4.69 26.64 -0.19
CA PRO D 142 -3.29 27.02 -0.08
C PRO D 142 -2.65 26.55 1.22
N VAL D 143 -1.43 26.06 1.11
CA VAL D 143 -0.61 25.74 2.29
C VAL D 143 0.83 25.88 1.86
N SER D 144 1.66 26.42 2.74
CA SER D 144 3.07 26.58 2.44
C SER D 144 3.88 26.70 3.70
N VAL D 145 5.19 26.61 3.51
CA VAL D 145 6.19 26.82 4.56
C VAL D 145 7.27 27.77 3.99
N SER D 146 7.81 28.62 4.87
CA SER D 146 8.80 29.63 4.50
CA SER D 146 8.81 29.63 4.49
C SER D 146 10.24 29.11 4.56
N LYS D 147 10.50 28.17 5.47
CA LYS D 147 11.83 27.59 5.67
C LYS D 147 11.78 26.08 5.93
N GLU D 148 12.52 25.31 5.12
CA GLU D 148 12.61 23.84 5.24
C GLU D 148 13.84 23.51 6.07
N PRO D 149 13.76 22.52 6.99
CA PRO D 149 14.92 22.24 7.83
C PRO D 149 16.12 21.55 7.18
N ASP D 150 15.94 20.83 6.06
CA ASP D 150 17.06 20.09 5.47
C ASP D 150 18.08 21.00 4.76
N PRO D 151 19.37 20.60 4.72
CA PRO D 151 20.43 21.44 4.11
C PRO D 151 20.30 21.73 2.60
N PHE D 152 19.52 20.95 1.87
CA PHE D 152 19.28 21.13 0.42
CA PHE D 152 19.31 21.17 0.44
C PHE D 152 17.99 21.87 0.12
N ASN D 153 17.10 22.00 1.13
CA ASN D 153 15.76 22.58 0.96
C ASN D 153 15.01 21.76 -0.11
N LEU D 155 13.84 18.00 0.99
CA LEU D 155 13.09 16.89 1.62
C LEU D 155 11.59 17.17 1.84
N ALA D 156 11.22 18.45 1.86
CA ALA D 156 9.82 18.88 2.08
C ALA D 156 9.18 18.35 3.39
N THR D 157 10.00 18.20 4.44
CA THR D 157 9.56 17.69 5.76
C THR D 157 8.58 18.64 6.41
N ALA D 158 8.96 19.90 6.49
CA ALA D 158 8.07 20.93 7.09
C ALA D 158 6.80 21.11 6.25
N SER D 159 6.96 21.05 4.92
CA SER D 159 5.81 21.17 3.99
C SER D 159 4.80 20.03 4.22
N THR D 160 5.31 18.81 4.36
CA THR D 160 4.46 17.63 4.62
C THR D 160 3.72 17.78 5.98
N ALA D 162 2.99 20.55 7.59
CA ALA D 162 2.02 21.63 7.42
C ALA D 162 0.73 21.12 6.76
N VAL D 163 0.89 20.28 5.73
CA VAL D 163 -0.27 19.70 5.04
C VAL D 163 -1.07 18.77 5.95
N ILE D 164 -0.37 17.90 6.68
CA ILE D 164 -0.98 16.96 7.64
C ILE D 164 -1.69 17.74 8.75
N ALA D 165 -0.97 18.71 9.33
CA ALA D 165 -1.53 19.57 10.38
C ALA D 165 -2.79 20.29 9.92
N SER D 166 -2.75 20.80 8.68
CA SER D 166 -3.90 21.53 8.13
C SER D 166 -5.17 20.65 8.17
N PHE D 167 -5.03 19.41 7.69
CA PHE D 167 -6.17 18.48 7.66
C PHE D 167 -6.52 17.87 9.01
N ASP D 168 -5.54 17.72 9.91
CA ASP D 168 -5.82 17.29 11.29
C ASP D 168 -6.82 18.27 11.94
N ALA D 169 -6.58 19.57 11.75
CA ALA D 169 -7.51 20.60 12.24
C ALA D 169 -8.89 20.54 11.57
N VAL D 170 -8.94 20.28 10.25
CA VAL D 170 -10.21 20.11 9.52
C VAL D 170 -10.98 18.94 10.14
N ILE D 171 -10.26 17.84 10.36
CA ILE D 171 -10.82 16.60 10.90
C ILE D 171 -11.29 16.77 12.35
N VAL D 172 -10.45 17.35 13.19
CA VAL D 172 -10.81 17.65 14.59
C VAL D 172 -12.09 18.52 14.64
N CYS D 173 -12.13 19.60 13.84
CA CYS D 173 -13.30 20.50 13.71
C CYS D 173 -14.55 19.73 13.30
N LEU D 174 -14.39 18.82 12.34
CA LEU D 174 -15.49 17.97 11.89
C LEU D 174 -16.15 17.11 12.99
N THR D 176 -16.79 17.99 16.02
CA THR D 176 -17.77 18.89 16.60
C THR D 176 -18.87 19.28 15.62
N TYR D 177 -18.47 19.62 14.39
CA TYR D 177 -19.41 20.03 13.31
C TYR D 177 -20.52 19.00 13.09
N ASN D 179 -21.12 16.29 15.23
CA ASN D 179 -21.55 15.68 16.50
C ASN D 179 -21.10 14.21 16.62
N TYR D 180 -19.83 13.98 16.29
CA TYR D 180 -19.22 12.64 16.32
C TYR D 180 -19.16 12.11 17.76
N THR D 181 -19.45 10.81 17.92
CA THR D 181 -19.51 10.16 19.24
C THR D 181 -18.48 9.05 19.47
N LYS D 182 -18.20 8.79 20.77
CA LYS D 182 -17.29 7.72 21.20
C LYS D 182 -17.90 6.35 20.86
N GLU D 183 -19.23 6.29 20.82
CA GLU D 183 -19.98 5.09 20.42
C GLU D 183 -19.63 4.71 18.98
N GLN D 184 -19.69 5.68 18.06
CA GLN D 184 -19.28 5.47 16.65
C GLN D 184 -17.78 5.08 16.58
N PHE D 185 -16.95 5.77 17.38
CA PHE D 185 -15.48 5.51 17.40
C PHE D 185 -15.19 4.06 17.85
N SER D 186 -15.85 3.63 18.92
CA SER D 186 -15.73 2.24 19.48
C SER D 186 -15.98 1.12 18.43
N VAL D 187 -16.98 1.34 17.57
CA VAL D 187 -17.32 0.38 16.48
C VAL D 187 -16.14 0.15 15.52
N ILE D 188 -15.52 1.25 15.10
CA ILE D 188 -14.39 1.21 14.14
C ILE D 188 -13.00 1.16 14.77
N HIS D 189 -12.90 1.21 16.11
CA HIS D 189 -11.63 1.10 16.85
CA HIS D 189 -11.62 1.10 16.82
C HIS D 189 -11.68 0.00 17.92
N PRO D 190 -12.08 -1.25 17.55
CA PRO D 190 -12.08 -2.32 18.59
C PRO D 190 -10.67 -2.68 19.10
N GLY D 191 -9.61 -2.39 18.33
CA GLY D 191 -8.23 -2.66 18.74
C GLY D 191 -7.68 -1.52 19.59
#